data_9JT5
#
_entry.id   9JT5
#
_cell.length_a   48.685
_cell.length_b   49.585
_cell.length_c   83.542
_cell.angle_alpha   74.86
_cell.angle_beta   74.42
_cell.angle_gamma   61.68
#
_symmetry.space_group_name_H-M   'P 1'
#
loop_
_entity.id
_entity.type
_entity.pdbx_description
1 polymer 'Aldo-keto reductase family 1 member C3'
2 non-polymer 'NADP NICOTINAMIDE-ADENINE-DINUCLEOTIDE PHOSPHATE'
3 non-polymer '5-[[(4-carboxy-5-methyl-furan-2-yl)methyl-[[(3~{R})-6-ethoxy-3,4-dihydro-2~{H}-chromen-3-yl]carbonyl]amino]methyl]-2-methyl-furan-3-carboxylic acid'
4 non-polymer 'SULFATE ION'
5 water water
#
_entity_poly.entity_id   1
_entity_poly.type   'polypeptide(L)'
_entity_poly.pdbx_seq_one_letter_code
;QCVKLNDGHFMPVLGFGTYAPPEVPRSKALEVTKLAIEAGFRHIDSAHLYNNEEQVGLAIRSKIADGSVKREDIFYTSKL
WSTFHRPELVRPALENSLKKAQLDYVDLYLIHSPMSLKPGEELSPTDENGKVIFDIVDLCTTWEAMEKCKDAGLAKSIGV
SNFNRRQLEMILNKPGLKYKPVCNQVECHPYFNRSKLLDFCKSKDIVLVAYSALGSQRDKRWVDPNSPVLLEDPVLCALA
KKHKRTPALIALRYQLQRGVVVLAKSYNEQRIRQNVQVFEFQLTAEDMKAIDGLDRNLHYFNSDSFASHPNYPYS
;
_entity_poly.pdbx_strand_id   A,B
#
loop_
_chem_comp.id
_chem_comp.type
_chem_comp.name
_chem_comp.formula
A1EC3 non-polymer '5-[[(4-carboxy-5-methyl-furan-2-yl)methyl-[[(3~{R})-6-ethoxy-3,4-dihydro-2~{H}-chromen-3-yl]carbonyl]amino]methyl]-2-methyl-furan-3-carboxylic acid' 'C26 H27 N O9'
NAP non-polymer 'NADP NICOTINAMIDE-ADENINE-DINUCLEOTIDE PHOSPHATE' 'C21 H28 N7 O17 P3'
SO4 non-polymer 'SULFATE ION' 'O4 S -2'
#
# COMPACT_ATOMS: atom_id res chain seq x y z
N GLN A 1 14.72 18.51 -22.47
CA GLN A 1 13.86 17.76 -23.35
C GLN A 1 12.39 18.07 -23.04
N CYS A 2 11.57 17.78 -24.03
CA CYS A 2 10.13 17.89 -23.97
C CYS A 2 9.47 16.56 -24.25
N VAL A 3 8.18 16.49 -23.95
CA VAL A 3 7.36 15.36 -24.34
C VAL A 3 6.26 15.93 -25.21
N LYS A 4 5.91 15.21 -26.26
CA LYS A 4 4.80 15.62 -27.10
C LYS A 4 3.50 15.19 -26.44
N LEU A 5 2.58 16.15 -26.31
CA LEU A 5 1.27 15.92 -25.75
C LEU A 5 0.33 15.38 -26.83
N ASN A 6 -0.78 14.80 -26.39
CA ASN A 6 -1.72 14.20 -27.33
C ASN A 6 -2.50 15.22 -28.17
N ASP A 7 -2.35 16.53 -27.94
CA ASP A 7 -2.89 17.56 -28.82
C ASP A 7 -1.81 18.16 -29.72
N GLY A 8 -0.60 17.60 -29.69
CA GLY A 8 0.50 18.01 -30.53
C GLY A 8 1.37 19.10 -29.95
N HIS A 9 0.98 19.70 -28.84
CA HIS A 9 1.86 20.67 -28.20
C HIS A 9 2.97 19.92 -27.46
N PHE A 10 3.98 20.66 -27.00
CA PHE A 10 5.11 20.07 -26.30
C PHE A 10 5.19 20.64 -24.90
N MET A 11 5.59 19.78 -23.96
CA MET A 11 5.74 20.19 -22.55
C MET A 11 7.12 19.84 -22.06
N PRO A 12 7.87 20.80 -21.49
CA PRO A 12 9.16 20.45 -20.90
C PRO A 12 9.05 19.41 -19.78
N VAL A 13 10.01 18.48 -19.75
CA VAL A 13 9.84 17.35 -18.81
C VAL A 13 10.25 17.69 -17.40
N LEU A 14 10.84 18.86 -17.17
CA LEU A 14 11.17 19.34 -15.83
C LEU A 14 10.46 20.65 -15.62
N GLY A 15 9.62 20.73 -14.58
CA GLY A 15 8.90 21.94 -14.27
C GLY A 15 9.22 22.51 -12.92
N PHE A 16 9.11 23.84 -12.80
CA PHE A 16 9.36 24.54 -11.55
C PHE A 16 8.05 24.66 -10.77
N GLY A 17 8.06 24.16 -9.53
CA GLY A 17 6.88 24.27 -8.65
C GLY A 17 6.90 25.58 -7.88
N THR A 18 5.80 26.31 -7.93
CA THR A 18 5.79 27.65 -7.36
C THR A 18 5.05 27.80 -6.05
N TYR A 19 4.40 26.75 -5.54
CA TYR A 19 3.64 26.97 -4.32
C TYR A 19 4.57 27.24 -3.15
N ALA A 20 4.25 28.28 -2.37
CA ALA A 20 4.80 28.47 -1.06
C ALA A 20 3.69 28.79 -0.08
N PRO A 21 3.82 28.35 1.17
CA PRO A 21 2.72 28.54 2.12
C PRO A 21 2.53 30.01 2.43
N PRO A 22 1.36 30.40 2.94
CA PRO A 22 1.07 31.84 3.09
C PRO A 22 2.03 32.59 4.00
N GLU A 23 2.78 31.93 4.88
CA GLU A 23 3.74 32.67 5.70
C GLU A 23 4.95 33.14 4.90
N VAL A 24 5.08 32.73 3.66
CA VAL A 24 6.19 33.17 2.80
C VAL A 24 5.73 34.40 2.04
N PRO A 25 6.41 35.52 2.14
CA PRO A 25 5.92 36.72 1.45
C PRO A 25 5.90 36.52 -0.06
N ARG A 26 4.93 37.13 -0.72
CA ARG A 26 4.78 36.97 -2.16
C ARG A 26 5.93 37.54 -2.95
N SER A 27 6.69 38.43 -2.34
CA SER A 27 7.86 38.92 -3.05
C SER A 27 8.78 37.78 -3.40
N LYS A 28 8.76 36.72 -2.61
CA LYS A 28 9.68 35.61 -2.84
C LYS A 28 9.32 34.86 -4.12
N ALA A 29 8.04 34.68 -4.40
CA ALA A 29 7.64 34.00 -5.64
C ALA A 29 8.17 34.73 -6.85
N LEU A 30 8.17 36.06 -6.79
CA LEU A 30 8.68 36.84 -7.92
C LEU A 30 10.16 36.60 -8.08
N GLU A 31 10.88 36.62 -6.96
CA GLU A 31 12.34 36.49 -6.98
C GLU A 31 12.76 35.11 -7.49
N VAL A 32 12.13 34.05 -6.94
CA VAL A 32 12.62 32.70 -7.24
C VAL A 32 12.18 32.26 -8.62
N THR A 33 11.04 32.76 -9.10
CA THR A 33 10.67 32.39 -10.47
C THR A 33 11.65 32.96 -11.47
N LYS A 34 12.17 34.18 -11.21
CA LYS A 34 13.25 34.72 -12.04
C LYS A 34 14.49 33.83 -11.97
N LEU A 35 14.90 33.44 -10.77
CA LEU A 35 16.04 32.53 -10.59
C LEU A 35 15.81 31.21 -11.31
N ALA A 36 14.59 30.66 -11.26
CA ALA A 36 14.34 29.40 -11.94
C ALA A 36 14.53 29.56 -13.43
N ILE A 37 14.00 30.64 -14.01
CA ILE A 37 14.18 30.88 -15.44
C ILE A 37 15.68 31.07 -15.75
N GLU A 38 16.37 31.83 -14.91
CA GLU A 38 17.82 32.01 -15.07
C GLU A 38 18.54 30.67 -15.04
N ALA A 39 18.08 29.74 -14.20
CA ALA A 39 18.74 28.44 -14.08
C ALA A 39 18.47 27.54 -15.26
N GLY A 40 17.42 27.79 -16.04
CA GLY A 40 17.08 26.95 -17.17
C GLY A 40 15.68 26.34 -17.14
N PHE A 41 14.93 26.54 -16.06
CA PHE A 41 13.54 26.08 -16.10
C PHE A 41 12.76 26.84 -17.16
N ARG A 42 11.92 26.11 -17.87
CA ARG A 42 11.06 26.72 -18.87
C ARG A 42 9.60 26.36 -18.64
N HIS A 43 9.35 25.34 -17.83
CA HIS A 43 7.99 24.92 -17.45
C HIS A 43 7.78 25.45 -16.03
N ILE A 44 6.72 26.26 -15.83
CA ILE A 44 6.47 26.93 -14.56
C ILE A 44 5.07 26.55 -14.15
N ASP A 45 4.92 25.96 -12.96
CA ASP A 45 3.61 25.44 -12.51
C ASP A 45 2.99 26.37 -11.47
N SER A 46 1.85 26.97 -11.81
CA SER A 46 1.19 27.84 -10.81
C SER A 46 -0.29 27.45 -10.75
N ALA A 47 -1.09 28.29 -10.10
CA ALA A 47 -2.52 27.96 -9.86
C ALA A 47 -3.21 29.15 -9.22
N HIS A 48 -4.54 29.25 -9.37
CA HIS A 48 -5.27 30.29 -8.66
C HIS A 48 -5.09 30.12 -7.16
N LEU A 49 -5.06 28.87 -6.69
CA LEU A 49 -4.96 28.56 -5.29
C LEU A 49 -3.72 29.18 -4.65
N TYR A 50 -2.64 29.34 -5.41
CA TYR A 50 -1.34 29.64 -4.82
C TYR A 50 -1.16 31.09 -4.46
N ASN A 51 -2.08 31.95 -4.89
CA ASN A 51 -1.97 33.37 -4.56
C ASN A 51 -0.59 33.90 -4.98
N ASN A 52 -0.16 33.47 -6.13
CA ASN A 52 1.09 33.96 -6.68
C ASN A 52 1.12 34.21 -8.18
N GLU A 53 -0.01 34.06 -8.88
CA GLU A 53 0.01 34.21 -10.33
C GLU A 53 0.46 35.61 -10.74
N GLU A 54 0.15 36.63 -9.95
CA GLU A 54 0.67 37.96 -10.31
C GLU A 54 2.21 37.99 -10.28
N GLN A 55 2.80 37.40 -9.26
CA GLN A 55 4.26 37.43 -9.09
C GLN A 55 4.95 36.53 -10.11
N VAL A 56 4.37 35.37 -10.36
CA VAL A 56 4.93 34.48 -11.38
C VAL A 56 4.85 35.15 -12.73
N GLY A 57 3.73 35.79 -13.03
CA GLY A 57 3.60 36.50 -14.29
C GLY A 57 4.57 37.66 -14.42
N LEU A 58 4.81 38.40 -13.31
CA LEU A 58 5.79 39.50 -13.33
C LEU A 58 7.18 38.94 -13.57
N ALA A 59 7.47 37.77 -13.00
CA ALA A 59 8.80 37.21 -13.22
C ALA A 59 8.99 36.86 -14.68
N ILE A 60 7.97 36.23 -15.30
CA ILE A 60 8.06 35.87 -16.71
C ILE A 60 8.24 37.12 -17.56
N ARG A 61 7.44 38.15 -17.30
CA ARG A 61 7.55 39.39 -18.08
C ARG A 61 8.92 40.01 -17.92
N SER A 62 9.48 39.97 -16.71
CA SER A 62 10.78 40.61 -16.50
C SER A 62 11.86 39.85 -17.27
N LYS A 63 11.75 38.52 -17.35
CA LYS A 63 12.76 37.77 -18.09
C LYS A 63 12.57 37.88 -19.60
N ILE A 64 11.36 38.19 -20.04
CA ILE A 64 11.13 38.48 -21.44
C ILE A 64 11.71 39.83 -21.80
N ALA A 65 11.54 40.79 -20.90
CA ALA A 65 11.99 42.17 -21.13
C ALA A 65 13.51 42.32 -21.15
N ASP A 66 14.24 41.52 -20.37
CA ASP A 66 15.69 41.56 -20.48
C ASP A 66 16.25 40.64 -21.55
N GLY A 67 15.38 40.06 -22.39
CA GLY A 67 15.83 39.24 -23.51
C GLY A 67 16.30 37.86 -23.15
N SER A 68 16.07 37.40 -21.91
CA SER A 68 16.47 36.06 -21.51
C SER A 68 15.65 34.98 -22.23
N VAL A 69 14.34 35.19 -22.33
CA VAL A 69 13.43 34.25 -22.96
C VAL A 69 12.44 35.04 -23.82
N LYS A 70 11.77 34.32 -24.70
CA LYS A 70 10.55 34.83 -25.31
C LYS A 70 9.36 34.10 -24.70
N ARG A 71 8.16 34.73 -24.82
CA ARG A 71 6.94 34.09 -24.30
C ARG A 71 6.79 32.68 -24.82
N GLU A 72 7.10 32.46 -26.10
CA GLU A 72 6.90 31.14 -26.65
C GLU A 72 7.89 30.10 -26.12
N ASP A 73 8.92 30.50 -25.40
CA ASP A 73 9.86 29.59 -24.79
C ASP A 73 9.40 29.10 -23.42
N ILE A 74 8.36 29.71 -22.86
CA ILE A 74 7.94 29.41 -21.49
C ILE A 74 6.68 28.59 -21.59
N PHE A 75 6.60 27.52 -20.80
CA PHE A 75 5.38 26.71 -20.69
C PHE A 75 4.78 27.06 -19.33
N TYR A 76 3.68 27.83 -19.30
CA TYR A 76 3.07 28.27 -18.05
C TYR A 76 1.78 27.51 -17.83
N THR A 77 1.67 26.88 -16.64
CA THR A 77 0.46 26.16 -16.26
C THR A 77 -0.27 26.92 -15.18
N SER A 78 -1.57 27.04 -15.33
CA SER A 78 -2.42 27.46 -14.22
C SER A 78 -3.47 26.40 -14.00
N LYS A 79 -4.23 26.56 -12.91
CA LYS A 79 -5.21 25.53 -12.57
C LYS A 79 -6.51 26.20 -12.12
N LEU A 80 -7.61 25.58 -12.54
CA LEU A 80 -8.97 25.98 -12.11
C LEU A 80 -9.22 25.53 -10.68
N TRP A 81 -9.50 26.48 -9.77
CA TRP A 81 -9.70 26.07 -8.38
C TRP A 81 -11.10 25.45 -8.21
N SER A 82 -11.25 24.66 -7.16
CA SER A 82 -12.41 23.78 -7.01
C SER A 82 -13.69 24.50 -6.69
N THR A 83 -13.63 25.78 -6.33
CA THR A 83 -14.86 26.58 -6.19
C THR A 83 -15.39 27.08 -7.55
N PHE A 84 -14.71 26.80 -8.66
CA PHE A 84 -15.06 27.29 -9.99
C PHE A 84 -15.37 26.15 -10.96
N HIS A 85 -15.74 24.98 -10.45
CA HIS A 85 -16.08 23.87 -11.31
C HIS A 85 -17.40 24.08 -12.07
N ARG A 86 -18.35 24.85 -11.55
CA ARG A 86 -19.61 24.98 -12.30
C ARG A 86 -19.28 25.61 -13.65
N PRO A 87 -19.80 25.06 -14.75
CA PRO A 87 -19.22 25.36 -16.07
C PRO A 87 -19.22 26.83 -16.39
N GLU A 88 -20.24 27.60 -16.00
CA GLU A 88 -20.24 29.02 -16.34
C GLU A 88 -19.17 29.79 -15.58
N LEU A 89 -18.53 29.19 -14.57
CA LEU A 89 -17.47 29.84 -13.81
C LEU A 89 -16.08 29.59 -14.40
N VAL A 90 -15.95 28.69 -15.37
CA VAL A 90 -14.63 28.20 -15.78
C VAL A 90 -13.89 29.25 -16.62
N ARG A 91 -14.52 29.70 -17.69
CA ARG A 91 -13.83 30.69 -18.52
C ARG A 91 -13.55 31.98 -17.76
N PRO A 92 -14.48 32.55 -16.95
CA PRO A 92 -14.11 33.72 -16.15
C PRO A 92 -12.95 33.47 -15.20
N ALA A 93 -12.86 32.27 -14.61
CA ALA A 93 -11.73 31.97 -13.73
C ALA A 93 -10.43 32.02 -14.51
N LEU A 94 -10.42 31.42 -15.71
CA LEU A 94 -9.20 31.45 -16.52
C LEU A 94 -8.84 32.88 -16.92
N GLU A 95 -9.85 33.67 -17.33
CA GLU A 95 -9.56 35.06 -17.71
C GLU A 95 -9.01 35.85 -16.55
N ASN A 96 -9.51 35.56 -15.34
CA ASN A 96 -8.99 36.23 -14.16
C ASN A 96 -7.53 35.83 -13.90
N SER A 97 -7.21 34.55 -14.02
CA SER A 97 -5.81 34.15 -13.86
C SER A 97 -4.92 34.83 -14.90
N LEU A 98 -5.41 34.92 -16.16
CA LEU A 98 -4.65 35.58 -17.22
C LEU A 98 -4.44 37.05 -16.92
N LYS A 99 -5.48 37.72 -16.40
CA LYS A 99 -5.35 39.15 -16.07
C LYS A 99 -4.35 39.36 -14.93
N LYS A 100 -4.37 38.48 -13.94
CA LYS A 100 -3.43 38.64 -12.83
C LYS A 100 -2.01 38.41 -13.28
N ALA A 101 -1.78 37.38 -14.12
CA ALA A 101 -0.43 37.05 -14.59
C ALA A 101 0.00 37.96 -15.73
N GLN A 102 -0.94 38.74 -16.27
CA GLN A 102 -0.69 39.61 -17.42
C GLN A 102 -0.15 38.80 -18.58
N LEU A 103 -0.83 37.68 -18.85
CA LEU A 103 -0.54 36.84 -19.99
C LEU A 103 -1.74 36.77 -20.91
N ASP A 104 -1.46 36.52 -22.19
CA ASP A 104 -2.53 36.37 -23.17
C ASP A 104 -3.12 34.97 -23.18
N TYR A 105 -2.31 33.97 -22.82
CA TYR A 105 -2.77 32.59 -22.80
C TYR A 105 -1.96 31.86 -21.75
N VAL A 106 -2.48 30.68 -21.33
CA VAL A 106 -1.65 29.72 -20.59
C VAL A 106 -1.32 28.58 -21.53
N ASP A 107 -0.13 28.00 -21.32
CA ASP A 107 0.19 26.79 -22.06
C ASP A 107 -0.63 25.61 -21.60
N LEU A 108 -1.07 25.61 -20.34
CA LEU A 108 -1.75 24.43 -19.82
C LEU A 108 -2.70 24.93 -18.76
N TYR A 109 -3.97 24.52 -18.87
CA TYR A 109 -4.94 24.80 -17.81
C TYR A 109 -5.45 23.48 -17.29
N LEU A 110 -5.42 23.32 -15.97
CA LEU A 110 -5.82 22.07 -15.35
C LEU A 110 -7.02 22.26 -14.43
N ILE A 111 -7.84 21.21 -14.36
CA ILE A 111 -8.73 21.09 -13.21
C ILE A 111 -7.88 20.69 -12.00
N HIS A 112 -7.81 21.57 -10.99
CA HIS A 112 -6.84 21.35 -9.90
C HIS A 112 -7.15 20.08 -9.12
N SER A 113 -8.43 19.79 -8.93
CA SER A 113 -8.80 18.64 -8.13
C SER A 113 -10.22 18.27 -8.48
N PRO A 114 -10.59 16.99 -8.38
CA PRO A 114 -11.99 16.60 -8.65
C PRO A 114 -12.92 16.96 -7.51
N MET A 115 -12.39 17.39 -6.39
CA MET A 115 -13.22 17.63 -5.19
C MET A 115 -13.81 19.03 -5.17
N SER A 116 -15.01 19.11 -5.75
CA SER A 116 -15.67 20.40 -5.94
C SER A 116 -16.04 21.02 -4.59
N LEU A 117 -16.01 22.36 -4.55
CA LEU A 117 -16.25 23.13 -3.33
C LEU A 117 -17.31 24.19 -3.62
N LYS A 118 -17.98 24.65 -2.56
CA LYS A 118 -19.03 25.65 -2.72
C LYS A 118 -18.54 26.87 -3.50
N PRO A 119 -19.25 27.30 -4.53
CA PRO A 119 -18.84 28.52 -5.24
C PRO A 119 -18.91 29.77 -4.38
N GLY A 120 -18.06 30.74 -4.71
CA GLY A 120 -17.94 31.96 -3.94
C GLY A 120 -16.53 32.50 -4.01
N GLU A 121 -16.27 33.54 -3.22
CA GLU A 121 -14.96 34.16 -3.24
C GLU A 121 -13.95 33.48 -2.34
N GLU A 122 -14.42 32.79 -1.30
CA GLU A 122 -13.51 32.04 -0.43
C GLU A 122 -12.86 30.89 -1.17
N LEU A 123 -11.53 30.75 -1.02
CA LEU A 123 -10.85 29.56 -1.52
C LEU A 123 -11.34 28.32 -0.80
N SER A 124 -11.54 28.43 0.52
CA SER A 124 -11.83 27.30 1.38
C SER A 124 -13.09 27.67 2.16
N PRO A 125 -14.25 27.61 1.50
CA PRO A 125 -15.51 27.94 2.18
C PRO A 125 -15.79 26.95 3.31
N THR A 126 -16.15 27.47 4.49
CA THR A 126 -16.33 26.63 5.66
C THR A 126 -17.62 27.01 6.37
N ASP A 127 -18.27 26.00 6.96
CA ASP A 127 -19.54 26.21 7.67
C ASP A 127 -19.25 26.65 9.11
N GLU A 128 -20.30 26.70 9.94
CA GLU A 128 -20.15 27.13 11.33
C GLU A 128 -19.47 26.08 12.20
N ASN A 129 -19.26 24.88 11.69
CA ASN A 129 -18.52 23.84 12.38
C ASN A 129 -17.05 23.81 11.99
N GLY A 130 -16.60 24.73 11.13
CA GLY A 130 -15.25 24.66 10.60
C GLY A 130 -15.06 23.68 9.47
N LYS A 131 -16.13 23.05 9.00
CA LYS A 131 -16.05 22.04 7.95
C LYS A 131 -16.07 22.72 6.59
N VAL A 132 -15.07 22.42 5.74
CA VAL A 132 -15.07 22.98 4.39
C VAL A 132 -16.29 22.43 3.67
N ILE A 133 -16.95 23.27 2.85
CA ILE A 133 -18.26 22.96 2.29
C ILE A 133 -18.10 22.42 0.88
N PHE A 134 -18.57 21.21 0.63
CA PHE A 134 -18.45 20.59 -0.67
C PHE A 134 -19.54 21.07 -1.62
N ASP A 135 -19.30 20.87 -2.92
CA ASP A 135 -20.34 21.11 -3.94
C ASP A 135 -20.42 19.87 -4.80
N ILE A 136 -21.52 19.69 -5.49
CA ILE A 136 -21.70 18.55 -6.38
C ILE A 136 -21.78 19.07 -7.80
N VAL A 137 -20.79 18.69 -8.62
CA VAL A 137 -20.74 19.13 -10.02
C VAL A 137 -20.37 17.95 -10.90
N ASP A 138 -21.07 17.82 -12.02
CA ASP A 138 -20.70 16.87 -13.07
C ASP A 138 -19.43 17.36 -13.73
N LEU A 139 -18.30 16.69 -13.44
CA LEU A 139 -17.03 17.17 -13.97
C LEU A 139 -16.93 17.02 -15.49
N CYS A 140 -17.81 16.23 -16.12
CA CYS A 140 -17.89 16.26 -17.57
C CYS A 140 -18.34 17.62 -18.09
N THR A 141 -19.19 18.32 -17.34
CA THR A 141 -19.58 19.64 -17.80
C THR A 141 -18.47 20.64 -17.54
N THR A 142 -17.77 20.50 -16.42
CA THR A 142 -16.56 21.30 -16.23
C THR A 142 -15.59 21.10 -17.40
N TRP A 143 -15.38 19.85 -17.78
CA TRP A 143 -14.48 19.55 -18.88
C TRP A 143 -14.95 20.19 -20.18
N GLU A 144 -16.26 20.14 -20.46
CA GLU A 144 -16.77 20.81 -21.65
C GLU A 144 -16.40 22.29 -21.65
N ALA A 145 -16.49 22.95 -20.50
CA ALA A 145 -16.09 24.36 -20.39
C ALA A 145 -14.58 24.56 -20.59
N MET A 146 -13.76 23.62 -20.11
CA MET A 146 -12.31 23.65 -20.36
C MET A 146 -12.03 23.56 -21.86
N GLU A 147 -12.76 22.69 -22.56
CA GLU A 147 -12.57 22.52 -24.01
C GLU A 147 -12.87 23.83 -24.76
N LYS A 148 -13.91 24.56 -24.33
CA LYS A 148 -14.22 25.86 -24.93
C LYS A 148 -13.10 26.87 -24.70
N CYS A 149 -12.43 26.81 -23.53
CA CYS A 149 -11.25 27.63 -23.27
C CYS A 149 -10.10 27.31 -24.21
N LYS A 150 -9.93 26.04 -24.57
CA LYS A 150 -8.90 25.69 -25.53
C LYS A 150 -9.28 26.18 -26.93
N ASP A 151 -10.55 26.05 -27.29
CA ASP A 151 -10.99 26.52 -28.60
C ASP A 151 -10.84 28.02 -28.74
N ALA A 152 -11.08 28.76 -27.65
CA ALA A 152 -10.91 30.20 -27.65
C ALA A 152 -9.46 30.64 -27.66
N GLY A 153 -8.50 29.71 -27.56
CA GLY A 153 -7.08 30.02 -27.55
C GLY A 153 -6.55 30.57 -26.23
N LEU A 154 -7.36 30.55 -25.17
CA LEU A 154 -6.87 31.01 -23.87
C LEU A 154 -5.99 29.95 -23.20
N ALA A 155 -6.15 28.69 -23.53
CA ALA A 155 -5.30 27.63 -23.01
C ALA A 155 -4.81 26.81 -24.19
N LYS A 156 -3.49 26.67 -24.34
CA LYS A 156 -3.04 25.89 -25.48
C LYS A 156 -3.37 24.42 -25.31
N SER A 157 -3.27 23.91 -24.08
CA SER A 157 -3.59 22.54 -23.73
C SER A 157 -4.41 22.54 -22.45
N ILE A 158 -5.20 21.48 -22.26
CA ILE A 158 -6.01 21.32 -21.05
C ILE A 158 -5.77 19.94 -20.47
N GLY A 159 -5.87 19.86 -19.14
CA GLY A 159 -5.66 18.58 -18.52
C GLY A 159 -6.31 18.56 -17.15
N VAL A 160 -5.97 17.54 -16.36
CA VAL A 160 -6.56 17.39 -15.03
C VAL A 160 -5.47 17.19 -13.99
N SER A 161 -5.89 17.22 -12.72
CA SER A 161 -4.97 17.00 -11.63
C SER A 161 -5.73 16.28 -10.52
N ASN A 162 -5.03 15.38 -9.82
CA ASN A 162 -5.59 14.61 -8.70
C ASN A 162 -6.74 13.71 -9.12
N PHE A 163 -6.79 13.30 -10.38
CA PHE A 163 -7.78 12.35 -10.83
C PHE A 163 -7.27 10.93 -10.64
N ASN A 164 -8.17 10.01 -10.30
CA ASN A 164 -7.83 8.59 -10.37
C ASN A 164 -8.29 8.00 -11.71
N ARG A 165 -8.03 6.70 -11.87
CA ARG A 165 -8.36 6.02 -13.12
C ARG A 165 -9.84 6.15 -13.48
N ARG A 166 -10.71 5.91 -12.51
CA ARG A 166 -12.14 5.98 -12.77
C ARG A 166 -12.57 7.39 -13.21
N GLN A 167 -12.03 8.39 -12.54
CA GLN A 167 -12.32 9.76 -12.92
C GLN A 167 -11.79 10.09 -14.33
N LEU A 168 -10.59 9.61 -14.67
CA LEU A 168 -10.09 9.84 -16.03
C LEU A 168 -11.01 9.15 -17.03
N GLU A 169 -11.39 7.91 -16.73
CA GLU A 169 -12.28 7.16 -17.61
C GLU A 169 -13.58 7.90 -17.86
N MET A 170 -14.08 8.58 -16.83
CA MET A 170 -15.33 9.31 -16.97
C MET A 170 -15.20 10.39 -18.05
N ILE A 171 -14.07 11.09 -18.07
CA ILE A 171 -13.78 12.04 -19.14
C ILE A 171 -13.54 11.35 -20.48
N LEU A 172 -12.70 10.30 -20.47
CA LEU A 172 -12.33 9.66 -21.73
C LEU A 172 -13.53 9.03 -22.42
N ASN A 173 -14.51 8.59 -21.65
CA ASN A 173 -15.72 7.93 -22.18
C ASN A 173 -16.88 8.89 -22.35
N LYS A 174 -16.67 10.19 -22.12
CA LYS A 174 -17.73 11.19 -22.26
C LYS A 174 -18.22 11.24 -23.69
N PRO A 175 -19.53 11.16 -23.92
CA PRO A 175 -20.02 11.30 -25.30
C PRO A 175 -19.73 12.70 -25.81
N GLY A 176 -19.22 12.75 -27.05
CA GLY A 176 -18.95 14.02 -27.67
C GLY A 176 -17.67 14.68 -27.17
N LEU A 177 -16.83 13.93 -26.45
CA LEU A 177 -15.50 14.43 -26.07
C LEU A 177 -14.78 15.00 -27.28
N LYS A 178 -14.27 16.22 -27.16
CA LYS A 178 -13.46 16.90 -28.16
C LYS A 178 -11.96 16.75 -27.90
N TYR A 179 -11.51 17.07 -26.70
CA TYR A 179 -10.10 17.01 -26.35
C TYR A 179 -9.92 16.11 -25.14
N LYS A 180 -9.04 15.11 -25.27
CA LYS A 180 -8.61 14.34 -24.13
C LYS A 180 -7.81 15.25 -23.20
N PRO A 181 -7.74 14.95 -21.91
CA PRO A 181 -6.72 15.62 -21.08
C PRO A 181 -5.33 15.28 -21.57
N VAL A 182 -4.45 16.29 -21.62
CA VAL A 182 -3.09 15.97 -22.04
C VAL A 182 -2.31 15.38 -20.90
N CYS A 183 -2.76 15.58 -19.65
CA CYS A 183 -1.96 15.16 -18.53
C CYS A 183 -2.87 14.99 -17.32
N ASN A 184 -2.33 14.28 -16.34
CA ASN A 184 -2.92 14.13 -15.03
C ASN A 184 -1.81 14.44 -14.04
N GLN A 185 -1.88 15.59 -13.38
CA GLN A 185 -0.86 15.96 -12.39
C GLN A 185 -1.25 15.38 -11.03
N VAL A 186 -0.41 14.50 -10.49
CA VAL A 186 -0.74 13.74 -9.29
C VAL A 186 0.48 13.62 -8.37
N GLU A 187 0.20 13.30 -7.11
CA GLU A 187 1.28 13.08 -6.16
C GLU A 187 2.05 11.82 -6.60
N CYS A 188 3.36 11.95 -6.74
CA CYS A 188 4.10 10.81 -7.26
C CYS A 188 5.54 10.96 -6.82
N HIS A 189 6.08 9.95 -6.12
CA HIS A 189 7.44 9.95 -5.63
C HIS A 189 7.76 8.50 -5.28
N PRO A 190 8.99 8.18 -4.88
CA PRO A 190 9.29 6.75 -4.62
C PRO A 190 8.49 6.12 -3.50
N TYR A 191 7.87 6.88 -2.58
CA TYR A 191 7.06 6.24 -1.58
C TYR A 191 5.61 6.08 -2.05
N PHE A 192 5.27 6.59 -3.25
CA PHE A 192 3.94 6.54 -3.83
C PHE A 192 4.13 6.67 -5.31
N ASN A 193 4.54 5.57 -5.96
CA ASN A 193 5.08 5.78 -7.28
C ASN A 193 4.03 5.71 -8.37
N ARG A 194 2.77 5.40 -8.06
CA ARG A 194 1.66 5.45 -9.01
C ARG A 194 1.89 4.59 -10.24
N SER A 195 2.53 3.44 -10.05
CA SER A 195 2.86 2.65 -11.25
C SER A 195 1.59 2.20 -11.99
N LYS A 196 0.52 1.84 -11.26
CA LYS A 196 -0.73 1.46 -11.92
C LYS A 196 -1.34 2.64 -12.67
N LEU A 197 -1.38 3.82 -12.06
CA LEU A 197 -1.97 4.94 -12.75
C LEU A 197 -1.10 5.33 -13.93
N LEU A 198 0.23 5.24 -13.75
CA LEU A 198 1.15 5.55 -14.85
C LEU A 198 0.91 4.62 -16.04
N ASP A 199 0.70 3.33 -15.78
CA ASP A 199 0.49 2.42 -16.88
C ASP A 199 -0.82 2.73 -17.55
N PHE A 200 -1.83 3.14 -16.78
CA PHE A 200 -3.10 3.48 -17.38
C PHE A 200 -2.94 4.73 -18.24
N CYS A 201 -2.27 5.76 -17.71
CA CYS A 201 -2.10 6.98 -18.48
C CYS A 201 -1.30 6.73 -19.76
N LYS A 202 -0.25 5.91 -19.67
CA LYS A 202 0.55 5.61 -20.84
C LYS A 202 -0.30 4.98 -21.93
N SER A 203 -1.27 4.16 -21.54
CA SER A 203 -2.09 3.47 -22.54
C SER A 203 -3.06 4.40 -23.23
N LYS A 204 -3.32 5.57 -22.64
CA LYS A 204 -4.23 6.56 -23.16
C LYS A 204 -3.52 7.78 -23.72
N ASP A 205 -2.18 7.76 -23.75
CA ASP A 205 -1.36 8.86 -24.27
C ASP A 205 -1.59 10.11 -23.40
N ILE A 206 -1.75 9.90 -22.10
CA ILE A 206 -1.89 11.00 -21.14
C ILE A 206 -0.60 11.03 -20.35
N VAL A 207 0.00 12.23 -20.21
CA VAL A 207 1.24 12.36 -19.45
C VAL A 207 0.93 12.42 -17.96
N LEU A 208 1.62 11.59 -17.17
CA LEU A 208 1.55 11.78 -15.73
C LEU A 208 2.58 12.83 -15.33
N VAL A 209 2.14 13.83 -14.58
CA VAL A 209 3.03 14.87 -14.07
C VAL A 209 3.07 14.69 -12.57
N ALA A 210 4.28 14.53 -12.02
CA ALA A 210 4.47 14.25 -10.62
C ALA A 210 4.64 15.54 -9.83
N TYR A 211 3.85 15.66 -8.76
CA TYR A 211 4.08 16.66 -7.72
C TYR A 211 4.45 15.97 -6.41
N SER A 212 5.04 16.77 -5.50
CA SER A 212 5.65 16.29 -4.28
C SER A 212 6.66 15.20 -4.60
N ALA A 213 7.34 15.38 -5.73
CA ALA A 213 8.32 14.42 -6.19
C ALA A 213 9.53 14.39 -5.29
N LEU A 214 9.74 15.44 -4.49
CA LEU A 214 10.79 15.44 -3.51
C LEU A 214 10.27 15.17 -2.12
N GLY A 215 9.02 14.74 -1.97
CA GLY A 215 8.54 14.35 -0.66
C GLY A 215 7.61 15.35 -0.04
N SER A 216 7.25 16.43 -0.76
CA SER A 216 6.38 17.51 -0.30
C SER A 216 7.08 18.48 0.64
N GLN A 217 6.41 19.60 0.86
CA GLN A 217 6.90 20.61 1.80
C GLN A 217 6.59 20.28 3.24
N ARG A 218 5.93 19.15 3.48
CA ARG A 218 5.60 18.69 4.82
C ARG A 218 4.88 19.77 5.63
N ASP A 219 3.96 20.49 4.97
CA ASP A 219 3.18 21.50 5.67
C ASP A 219 2.38 20.87 6.79
N LYS A 220 2.50 21.42 8.00
CA LYS A 220 1.84 20.81 9.13
C LYS A 220 0.33 20.78 8.96
N ARG A 221 -0.23 21.63 8.09
CA ARG A 221 -1.66 21.59 7.86
C ARG A 221 -2.12 20.36 7.09
N TRP A 222 -1.22 19.71 6.32
CA TRP A 222 -1.58 18.60 5.46
C TRP A 222 -0.80 17.33 5.71
N VAL A 223 0.35 17.40 6.36
CA VAL A 223 1.30 16.28 6.40
C VAL A 223 1.56 15.88 7.85
N ASP A 224 1.35 14.60 8.14
CA ASP A 224 1.71 14.02 9.42
C ASP A 224 3.20 14.17 9.68
N PRO A 225 3.61 14.80 10.78
CA PRO A 225 5.04 14.98 11.03
C PRO A 225 5.78 13.68 11.26
N ASN A 226 5.07 12.61 11.62
CA ASN A 226 5.66 11.29 11.79
C ASN A 226 5.86 10.53 10.48
N SER A 227 5.33 11.05 9.37
CA SER A 227 5.54 10.40 8.09
C SER A 227 7.04 10.38 7.74
N PRO A 228 7.54 9.29 7.13
CA PRO A 228 8.97 9.26 6.81
C PRO A 228 9.29 10.39 5.84
N VAL A 229 10.48 10.95 6.02
CA VAL A 229 11.01 12.00 5.15
C VAL A 229 11.67 11.34 3.94
N LEU A 230 11.09 11.58 2.75
CA LEU A 230 11.55 10.91 1.53
C LEU A 230 13.04 11.08 1.30
N LEU A 231 13.54 12.30 1.43
CA LEU A 231 14.93 12.55 1.07
C LEU A 231 15.92 12.03 2.09
N GLU A 232 15.48 11.51 3.25
CA GLU A 232 16.35 10.76 4.14
C GLU A 232 16.29 9.26 3.90
N ASP A 233 15.65 8.81 2.82
CA ASP A 233 15.53 7.37 2.57
C ASP A 233 16.90 6.73 2.38
N PRO A 234 17.23 5.66 3.12
CA PRO A 234 18.58 5.08 2.98
C PRO A 234 18.92 4.58 1.58
N VAL A 235 17.94 4.11 0.80
CA VAL A 235 18.24 3.73 -0.57
C VAL A 235 18.55 4.95 -1.43
N LEU A 236 17.70 5.99 -1.36
CA LEU A 236 17.99 7.20 -2.11
C LEU A 236 19.34 7.80 -1.71
N CYS A 237 19.67 7.76 -0.43
CA CYS A 237 20.93 8.34 -0.01
C CYS A 237 22.12 7.53 -0.50
N ALA A 238 21.98 6.21 -0.56
CA ALA A 238 23.07 5.38 -1.08
C ALA A 238 23.28 5.60 -2.56
N LEU A 239 22.19 5.67 -3.35
CA LEU A 239 22.33 6.01 -4.76
C LEU A 239 22.87 7.41 -4.96
N ALA A 240 22.52 8.36 -4.10
CA ALA A 240 23.10 9.69 -4.22
C ALA A 240 24.62 9.64 -4.03
N LYS A 241 25.08 8.84 -3.06
CA LYS A 241 26.52 8.70 -2.81
C LYS A 241 27.23 7.95 -3.94
N LYS A 242 26.61 6.93 -4.51
CA LYS A 242 27.19 6.25 -5.67
C LYS A 242 27.32 7.18 -6.85
N HIS A 243 26.32 8.02 -7.09
CA HIS A 243 26.38 8.83 -8.30
C HIS A 243 27.02 10.18 -8.05
N LYS A 244 27.40 10.47 -6.81
CA LYS A 244 27.88 11.77 -6.39
C LYS A 244 26.87 12.85 -6.82
N ARG A 245 25.61 12.58 -6.46
CA ARG A 245 24.52 13.54 -6.68
C ARG A 245 23.88 13.71 -5.31
N THR A 246 22.66 14.24 -5.25
CA THR A 246 21.93 14.38 -4.01
C THR A 246 20.68 13.50 -4.06
N PRO A 247 20.09 13.19 -2.91
CA PRO A 247 18.86 12.38 -2.94
C PRO A 247 17.77 13.02 -3.76
N ALA A 248 17.68 14.36 -3.73
CA ALA A 248 16.67 15.04 -4.55
C ALA A 248 16.88 14.74 -6.01
N LEU A 249 18.13 14.81 -6.46
CA LEU A 249 18.40 14.55 -7.86
C LEU A 249 18.07 13.11 -8.23
N ILE A 250 18.30 12.17 -7.32
CA ILE A 250 17.93 10.78 -7.61
C ILE A 250 16.42 10.68 -7.77
N ALA A 251 15.69 11.34 -6.87
CA ALA A 251 14.22 11.29 -6.92
C ALA A 251 13.68 11.89 -8.22
N LEU A 252 14.27 12.98 -8.70
CA LEU A 252 13.81 13.61 -9.93
C LEU A 252 14.14 12.72 -11.12
N ARG A 253 15.40 12.22 -11.17
CA ARG A 253 15.81 11.43 -12.31
C ARG A 253 15.02 10.14 -12.43
N TYR A 254 14.65 9.55 -11.29
CA TYR A 254 13.78 8.39 -11.30
C TYR A 254 12.53 8.63 -12.13
N GLN A 255 11.89 9.78 -11.93
CA GLN A 255 10.69 10.08 -12.68
C GLN A 255 10.97 10.24 -14.16
N LEU A 256 12.02 10.97 -14.50
CA LEU A 256 12.35 11.17 -15.91
C LEU A 256 12.56 9.84 -16.61
N GLN A 257 13.22 8.90 -15.95
CA GLN A 257 13.51 7.65 -16.63
C GLN A 257 12.32 6.73 -16.74
N ARG A 258 11.25 6.94 -15.97
CA ARG A 258 10.07 6.11 -16.15
C ARG A 258 8.98 6.81 -16.96
N GLY A 259 9.28 7.95 -17.61
CA GLY A 259 8.40 8.60 -18.54
C GLY A 259 7.43 9.55 -17.85
N VAL A 260 7.78 10.00 -16.67
CA VAL A 260 6.95 10.94 -15.89
C VAL A 260 7.54 12.36 -16.01
N VAL A 261 6.70 13.34 -16.25
CA VAL A 261 7.14 14.74 -16.19
C VAL A 261 7.18 15.15 -14.74
N VAL A 262 8.21 15.87 -14.32
CA VAL A 262 8.45 16.01 -12.89
C VAL A 262 8.52 17.49 -12.52
N LEU A 263 7.81 17.86 -11.46
CA LEU A 263 7.92 19.20 -10.89
C LEU A 263 8.88 19.19 -9.71
N ALA A 264 9.50 20.34 -9.49
CA ALA A 264 10.38 20.51 -8.33
C ALA A 264 10.20 21.91 -7.80
N LYS A 265 9.72 22.03 -6.58
CA LYS A 265 9.67 23.35 -5.93
C LYS A 265 10.95 23.57 -5.15
N SER A 266 11.54 24.75 -5.33
CA SER A 266 12.52 25.23 -4.35
C SER A 266 12.45 26.73 -4.34
N TYR A 267 12.53 27.31 -3.15
CA TYR A 267 12.69 28.74 -3.06
C TYR A 267 14.12 29.09 -2.67
N ASN A 268 15.08 28.18 -2.90
CA ASN A 268 16.48 28.42 -2.53
C ASN A 268 17.31 28.49 -3.81
N GLU A 269 18.02 29.60 -4.04
CA GLU A 269 18.73 29.72 -5.31
C GLU A 269 19.62 28.51 -5.64
N GLN A 270 20.40 28.04 -4.68
CA GLN A 270 21.33 26.95 -4.98
C GLN A 270 20.61 25.64 -5.24
N ARG A 271 19.52 25.39 -4.57
CA ARG A 271 18.80 24.16 -4.86
C ARG A 271 18.05 24.26 -6.18
N ILE A 272 17.55 25.45 -6.47
CA ILE A 272 16.93 25.61 -7.80
C ILE A 272 17.90 25.21 -8.89
N ARG A 273 19.15 25.69 -8.79
CA ARG A 273 20.15 25.45 -9.83
C ARG A 273 20.59 23.98 -9.81
N GLN A 274 20.67 23.41 -8.62
CA GLN A 274 20.98 21.98 -8.47
C GLN A 274 19.97 21.11 -9.21
N ASN A 275 18.66 21.43 -9.11
CA ASN A 275 17.68 20.55 -9.69
C ASN A 275 17.77 20.44 -11.20
N VAL A 276 18.29 21.47 -11.87
CA VAL A 276 18.42 21.39 -13.30
C VAL A 276 19.51 20.39 -13.68
N GLN A 277 20.37 20.01 -12.74
CA GLN A 277 21.41 18.96 -13.05
C GLN A 277 20.84 17.60 -13.16
N VAL A 278 19.52 17.44 -13.12
CA VAL A 278 18.92 16.12 -13.32
C VAL A 278 19.21 15.62 -14.72
N PHE A 279 19.52 16.53 -15.66
CA PHE A 279 19.79 16.11 -17.02
C PHE A 279 21.22 15.65 -17.22
N GLU A 280 22.05 15.72 -16.18
CA GLU A 280 23.48 15.47 -16.32
C GLU A 280 23.90 14.04 -16.04
N PHE A 281 23.00 13.16 -15.62
CA PHE A 281 23.44 11.83 -15.21
C PHE A 281 22.27 10.90 -15.45
N GLN A 282 22.55 9.60 -15.37
CA GLN A 282 21.55 8.57 -15.62
C GLN A 282 21.60 7.54 -14.50
N LEU A 283 20.43 7.00 -14.17
CA LEU A 283 20.33 5.86 -13.26
C LEU A 283 20.40 4.57 -14.06
N THR A 284 21.05 3.57 -13.47
CA THR A 284 21.05 2.26 -14.11
C THR A 284 19.71 1.55 -13.91
N ALA A 285 19.49 0.49 -14.71
CA ALA A 285 18.27 -0.30 -14.54
C ALA A 285 18.20 -0.94 -13.16
N GLU A 286 19.33 -1.35 -12.57
CA GLU A 286 19.30 -1.86 -11.21
C GLU A 286 18.94 -0.77 -10.23
N ASP A 287 19.43 0.46 -10.47
CA ASP A 287 19.06 1.57 -9.60
C ASP A 287 17.57 1.81 -9.65
N MET A 288 17.01 1.79 -10.85
CA MET A 288 15.58 2.06 -11.01
C MET A 288 14.75 0.99 -10.31
N LYS A 289 15.17 -0.28 -10.39
CA LYS A 289 14.40 -1.31 -9.68
C LYS A 289 14.51 -1.13 -8.19
N ALA A 290 15.70 -0.74 -7.68
CA ALA A 290 15.83 -0.45 -6.26
C ALA A 290 14.84 0.63 -5.82
N ILE A 291 14.73 1.71 -6.62
CA ILE A 291 13.79 2.77 -6.25
C ILE A 291 12.35 2.30 -6.38
N ASP A 292 12.04 1.50 -7.44
CA ASP A 292 10.71 0.92 -7.58
C ASP A 292 10.32 0.14 -6.33
N GLY A 293 11.28 -0.45 -5.63
CA GLY A 293 10.93 -1.18 -4.42
C GLY A 293 10.61 -0.33 -3.22
N LEU A 294 10.70 0.99 -3.32
CA LEU A 294 10.46 1.80 -2.13
C LEU A 294 8.99 2.11 -1.87
N ASP A 295 8.12 1.73 -2.80
CA ASP A 295 6.73 2.18 -2.74
C ASP A 295 6.08 1.74 -1.46
N ARG A 296 5.38 2.66 -0.80
CA ARG A 296 4.70 2.38 0.46
C ARG A 296 3.24 2.89 0.44
N ASN A 297 2.74 3.25 -0.73
CA ASN A 297 1.38 3.81 -0.81
C ASN A 297 1.20 4.98 0.14
N LEU A 298 2.23 5.81 0.27
CA LEU A 298 2.24 6.92 1.24
C LEU A 298 1.89 8.21 0.51
N HIS A 299 0.70 8.73 0.77
CA HIS A 299 0.36 10.03 0.24
C HIS A 299 0.60 11.05 1.32
N TYR A 300 1.42 12.02 0.99
CA TYR A 300 1.81 13.01 1.99
C TYR A 300 0.62 13.88 2.31
N PHE A 301 -0.13 14.27 1.29
CA PHE A 301 -1.38 15.02 1.51
C PHE A 301 -2.45 14.09 2.06
N ASN A 302 -2.84 14.32 3.30
CA ASN A 302 -3.84 13.51 3.92
C ASN A 302 -4.75 14.31 4.80
N SER A 303 -5.85 14.81 4.28
CA SER A 303 -6.82 15.52 5.12
C SER A 303 -8.02 14.63 5.31
N ASP A 304 -8.43 14.44 6.55
CA ASP A 304 -9.56 13.57 6.80
C ASP A 304 -10.84 14.22 6.32
N SER A 305 -10.91 15.54 6.36
CA SER A 305 -12.09 16.24 5.85
C SER A 305 -12.30 15.83 4.46
N PHE A 306 -11.29 16.04 3.69
CA PHE A 306 -11.44 15.75 2.26
C PHE A 306 -11.57 14.26 1.99
N ALA A 307 -11.15 13.40 2.93
CA ALA A 307 -11.30 11.97 2.70
C ALA A 307 -12.76 11.60 2.60
N SER A 308 -13.66 12.44 3.13
CA SER A 308 -15.10 12.20 3.02
C SER A 308 -15.70 12.80 1.75
N HIS A 309 -14.91 13.50 0.93
CA HIS A 309 -15.49 14.04 -0.28
C HIS A 309 -15.89 12.91 -1.23
N PRO A 310 -17.06 13.02 -1.87
CA PRO A 310 -17.49 11.97 -2.82
C PRO A 310 -16.50 11.73 -3.94
N ASN A 311 -15.75 12.76 -4.37
CA ASN A 311 -14.77 12.60 -5.43
C ASN A 311 -13.35 12.43 -4.90
N TYR A 312 -13.17 12.13 -3.62
CA TYR A 312 -11.84 11.87 -3.09
C TYR A 312 -11.15 10.77 -3.92
N PRO A 313 -9.98 11.02 -4.46
CA PRO A 313 -9.43 10.08 -5.44
C PRO A 313 -8.79 8.85 -4.85
N TYR A 314 -8.50 8.82 -3.54
CA TYR A 314 -7.78 7.69 -3.00
C TYR A 314 -8.72 6.65 -2.39
N SER A 315 -10.03 6.88 -2.49
CA SER A 315 -11.01 5.84 -2.12
C SER A 315 -11.16 4.84 -3.28
N GLN B 1 12.63 -25.74 1.33
CA GLN B 1 11.96 -26.95 0.90
C GLN B 1 10.48 -26.79 1.14
N CYS B 2 9.73 -27.63 0.44
CA CYS B 2 8.27 -27.52 0.38
C CYS B 2 7.66 -28.88 0.66
N VAL B 3 6.37 -28.87 1.02
CA VAL B 3 5.55 -30.07 1.03
C VAL B 3 4.53 -29.98 -0.07
N LYS B 4 4.26 -31.12 -0.68
CA LYS B 4 3.19 -31.20 -1.67
C LYS B 4 1.85 -31.32 -0.98
N LEU B 5 0.93 -30.43 -1.33
CA LEU B 5 -0.40 -30.43 -0.76
C LEU B 5 -1.28 -31.43 -1.52
N ASN B 6 -2.45 -31.74 -0.93
CA ASN B 6 -3.32 -32.77 -1.51
C ASN B 6 -4.04 -32.31 -2.79
N ASP B 7 -3.89 -31.05 -3.17
CA ASP B 7 -4.38 -30.53 -4.42
C ASP B 7 -3.27 -30.32 -5.43
N GLY B 8 -2.06 -30.85 -5.14
CA GLY B 8 -0.92 -30.75 -6.05
C GLY B 8 -0.10 -29.50 -5.96
N HIS B 9 -0.56 -28.48 -5.24
CA HIS B 9 0.28 -27.31 -5.07
C HIS B 9 1.35 -27.57 -4.00
N PHE B 10 2.30 -26.67 -3.89
CA PHE B 10 3.45 -26.85 -2.99
C PHE B 10 3.46 -25.73 -1.96
N MET B 11 3.73 -26.09 -0.71
CA MET B 11 3.80 -25.07 0.37
C MET B 11 5.19 -25.09 1.02
N PRO B 12 5.88 -23.95 1.18
CA PRO B 12 7.17 -23.94 1.88
C PRO B 12 6.97 -24.31 3.33
N VAL B 13 7.89 -25.14 3.88
CA VAL B 13 7.65 -25.67 5.23
C VAL B 13 7.96 -24.69 6.34
N LEU B 14 8.58 -23.55 6.03
CA LEU B 14 8.81 -22.47 6.99
C LEU B 14 8.05 -21.25 6.51
N GLY B 15 7.13 -20.74 7.35
CA GLY B 15 6.40 -19.51 7.00
C GLY B 15 6.68 -18.40 7.98
N PHE B 16 6.48 -17.20 7.49
CA PHE B 16 6.64 -15.97 8.28
C PHE B 16 5.29 -15.55 8.80
N GLY B 17 5.21 -15.41 10.12
CA GLY B 17 3.99 -14.93 10.76
C GLY B 17 4.01 -13.41 10.82
N THR B 18 2.88 -12.81 10.46
CA THR B 18 2.84 -11.36 10.33
C THR B 18 1.98 -10.66 11.37
N TYR B 19 1.29 -11.39 12.29
CA TYR B 19 0.45 -10.67 13.26
C TYR B 19 1.32 -9.86 14.25
N ALA B 20 0.96 -8.57 14.40
CA ALA B 20 1.48 -7.75 15.46
C ALA B 20 0.29 -7.07 16.13
N PRO B 21 0.34 -6.90 17.45
CA PRO B 21 -0.80 -6.25 18.17
C PRO B 21 -1.05 -4.84 17.65
N PRO B 22 -2.24 -4.27 17.90
CA PRO B 22 -2.55 -2.95 17.33
C PRO B 22 -1.61 -1.84 17.79
N GLU B 23 -0.91 -1.99 18.91
CA GLU B 23 0.03 -0.96 19.33
C GLU B 23 1.22 -0.83 18.40
N VAL B 24 1.47 -1.81 17.53
CA VAL B 24 2.58 -1.71 16.59
C VAL B 24 2.13 -0.92 15.37
N PRO B 25 2.86 0.13 14.97
CA PRO B 25 2.44 0.89 13.78
C PRO B 25 2.31 -0.03 12.58
N ARG B 26 1.33 0.26 11.73
CA ARG B 26 1.09 -0.55 10.54
C ARG B 26 2.29 -0.61 9.62
N SER B 27 3.06 0.49 9.55
CA SER B 27 4.22 0.52 8.66
C SER B 27 5.23 -0.58 9.01
N LYS B 28 5.23 -1.07 10.25
CA LYS B 28 6.23 -2.10 10.58
C LYS B 28 5.98 -3.40 9.81
N ALA B 29 4.71 -3.77 9.54
CA ALA B 29 4.48 -5.01 8.79
C ALA B 29 5.11 -4.94 7.40
N LEU B 30 5.15 -3.74 6.82
CA LEU B 30 5.79 -3.62 5.52
C LEU B 30 7.30 -3.83 5.66
N GLU B 31 7.88 -3.15 6.59
CA GLU B 31 9.30 -3.29 6.78
C GLU B 31 9.74 -4.72 7.09
N VAL B 32 9.05 -5.35 8.02
CA VAL B 32 9.53 -6.66 8.45
C VAL B 32 9.21 -7.75 7.42
N THR B 33 8.11 -7.66 6.67
CA THR B 33 7.88 -8.65 5.61
C THR B 33 8.95 -8.55 4.51
N LYS B 34 9.39 -7.33 4.20
CA LYS B 34 10.52 -7.19 3.29
C LYS B 34 11.74 -7.89 3.87
N LEU B 35 12.00 -7.64 5.17
CA LEU B 35 13.18 -8.26 5.79
C LEU B 35 13.06 -9.76 5.78
N ALA B 36 11.85 -10.28 5.99
CA ALA B 36 11.67 -11.73 5.95
C ALA B 36 11.96 -12.32 4.57
N ILE B 37 11.42 -11.72 3.51
CA ILE B 37 11.71 -12.17 2.15
C ILE B 37 13.21 -12.07 1.90
N GLU B 38 13.81 -10.96 2.30
CA GLU B 38 15.27 -10.80 2.13
C GLU B 38 16.04 -11.89 2.84
N ALA B 39 15.53 -12.37 3.99
CA ALA B 39 16.22 -13.40 4.75
C ALA B 39 16.04 -14.78 4.14
N GLY B 40 15.05 -14.96 3.27
CA GLY B 40 14.82 -16.26 2.69
C GLY B 40 13.44 -16.82 2.91
N PHE B 41 12.59 -16.16 3.69
CA PHE B 41 11.22 -16.65 3.79
C PHE B 41 10.48 -16.51 2.46
N ARG B 42 9.72 -17.55 2.12
CA ARG B 42 8.92 -17.50 0.89
C ARG B 42 7.45 -17.78 1.14
N HIS B 43 7.08 -18.13 2.37
CA HIS B 43 5.71 -18.40 2.77
C HIS B 43 5.36 -17.32 3.78
N ILE B 44 4.30 -16.57 3.53
CA ILE B 44 3.98 -15.40 4.34
C ILE B 44 2.54 -15.56 4.78
N ASP B 45 2.29 -15.48 6.08
CA ASP B 45 0.96 -15.78 6.64
C ASP B 45 0.32 -14.48 7.14
N SER B 46 -0.84 -14.11 6.56
CA SER B 46 -1.56 -12.90 6.99
C SER B 46 -3.03 -13.30 7.15
N ALA B 47 -3.89 -12.31 7.32
CA ALA B 47 -5.30 -12.58 7.60
C ALA B 47 -6.03 -11.25 7.61
N HIS B 48 -7.34 -11.29 7.30
CA HIS B 48 -8.14 -10.07 7.46
C HIS B 48 -8.04 -9.54 8.87
N LEU B 49 -8.04 -10.44 9.84
CA LEU B 49 -7.97 -10.03 11.26
C LEU B 49 -6.78 -9.13 11.57
N TYR B 50 -5.68 -9.30 10.84
CA TYR B 50 -4.45 -8.67 11.29
C TYR B 50 -4.35 -7.21 10.91
N ASN B 51 -5.27 -6.72 10.07
CA ASN B 51 -5.25 -5.32 9.65
C ASN B 51 -3.91 -4.95 9.04
N ASN B 52 -3.35 -5.86 8.23
CA ASN B 52 -2.02 -5.60 7.71
C ASN B 52 -1.88 -6.06 6.27
N GLU B 53 -2.96 -6.48 5.62
CA GLU B 53 -2.80 -7.04 4.26
C GLU B 53 -2.31 -5.98 3.27
N GLU B 54 -2.66 -4.71 3.44
CA GLU B 54 -2.11 -3.69 2.56
C GLU B 54 -0.60 -3.64 2.69
N GLN B 55 -0.11 -3.68 3.93
CA GLN B 55 1.32 -3.55 4.16
C GLN B 55 2.08 -4.79 3.72
N VAL B 56 1.55 -5.99 4.03
CA VAL B 56 2.21 -7.21 3.62
C VAL B 56 2.22 -7.30 2.10
N GLY B 57 1.10 -6.92 1.46
CA GLY B 57 1.07 -6.91 0.00
C GLY B 57 2.06 -5.95 -0.62
N LEU B 58 2.22 -4.77 0.00
CA LEU B 58 3.22 -3.81 -0.48
C LEU B 58 4.62 -4.40 -0.37
N ALA B 59 4.87 -5.22 0.66
CA ALA B 59 6.20 -5.81 0.81
C ALA B 59 6.44 -6.86 -0.27
N ILE B 60 5.46 -7.72 -0.53
CA ILE B 60 5.59 -8.64 -1.65
C ILE B 60 5.80 -7.88 -2.96
N ARG B 61 4.98 -6.84 -3.19
CA ARG B 61 5.12 -6.04 -4.41
C ARG B 61 6.51 -5.40 -4.50
N SER B 62 7.05 -4.95 -3.37
CA SER B 62 8.37 -4.28 -3.37
C SER B 62 9.46 -5.26 -3.80
N LYS B 63 9.42 -6.48 -3.28
CA LYS B 63 10.43 -7.46 -3.60
C LYS B 63 10.27 -8.06 -4.99
N ILE B 64 9.10 -7.98 -5.57
CA ILE B 64 8.96 -8.29 -6.99
C ILE B 64 9.51 -7.15 -7.82
N ALA B 65 9.16 -5.92 -7.45
CA ALA B 65 9.59 -4.80 -8.25
C ALA B 65 11.10 -4.66 -8.23
N ASP B 66 11.74 -4.96 -7.10
CA ASP B 66 13.20 -4.76 -7.07
C ASP B 66 13.96 -5.95 -7.66
N GLY B 67 13.23 -6.93 -8.18
CA GLY B 67 13.77 -8.07 -8.87
C GLY B 67 14.22 -9.22 -8.00
N SER B 68 13.91 -9.21 -6.70
CA SER B 68 14.40 -10.29 -5.82
C SER B 68 13.65 -11.60 -6.00
N VAL B 69 12.33 -11.52 -6.19
CA VAL B 69 11.48 -12.68 -6.32
C VAL B 69 10.49 -12.41 -7.44
N LYS B 70 9.86 -13.47 -7.90
CA LYS B 70 8.70 -13.42 -8.77
C LYS B 70 7.46 -13.75 -7.93
N ARG B 71 6.29 -13.30 -8.37
CA ARG B 71 5.06 -13.66 -7.64
C ARG B 71 5.00 -15.16 -7.41
N GLU B 72 5.36 -15.95 -8.44
CA GLU B 72 5.18 -17.40 -8.28
C GLU B 72 6.14 -18.00 -7.25
N ASP B 73 7.12 -17.23 -6.76
CA ASP B 73 8.07 -17.71 -5.76
C ASP B 73 7.55 -17.47 -4.35
N ILE B 74 6.46 -16.74 -4.21
CA ILE B 74 5.93 -16.38 -2.90
C ILE B 74 4.67 -17.20 -2.66
N PHE B 75 4.52 -17.72 -1.43
CA PHE B 75 3.32 -18.42 -1.01
C PHE B 75 2.63 -17.50 -0.02
N TYR B 76 1.50 -16.91 -0.41
CA TYR B 76 0.81 -15.93 0.43
C TYR B 76 -0.48 -16.54 0.94
N THR B 77 -0.68 -16.45 2.26
CA THR B 77 -1.87 -16.96 2.91
C THR B 77 -2.67 -15.80 3.48
N SER B 78 -3.99 -15.83 3.22
CA SER B 78 -4.88 -14.98 3.99
C SER B 78 -5.95 -15.86 4.59
N LYS B 79 -6.78 -15.22 5.42
CA LYS B 79 -7.81 -15.97 6.16
C LYS B 79 -9.10 -15.20 6.14
N LEU B 80 -10.20 -15.97 6.01
CA LEU B 80 -11.58 -15.50 6.17
C LEU B 80 -11.89 -15.30 7.64
N TRP B 81 -12.26 -14.07 8.02
CA TRP B 81 -12.50 -13.85 9.43
C TRP B 81 -13.90 -14.32 9.78
N SER B 82 -14.13 -14.48 11.08
CA SER B 82 -15.27 -15.25 11.59
C SER B 82 -16.60 -14.48 11.44
N THR B 83 -16.56 -13.20 11.19
CA THR B 83 -17.78 -12.46 10.88
C THR B 83 -18.21 -12.64 9.43
N PHE B 84 -17.48 -13.41 8.63
CA PHE B 84 -17.75 -13.57 7.22
C PHE B 84 -18.02 -15.03 6.88
N HIS B 85 -18.44 -15.83 7.87
CA HIS B 85 -18.69 -17.23 7.57
C HIS B 85 -19.93 -17.45 6.69
N ARG B 86 -20.91 -16.56 6.75
CA ARG B 86 -22.11 -16.83 5.97
C ARG B 86 -21.73 -16.90 4.50
N PRO B 87 -22.24 -17.88 3.74
CA PRO B 87 -21.62 -18.20 2.46
C PRO B 87 -21.60 -17.02 1.47
N GLU B 88 -22.63 -16.16 1.47
CA GLU B 88 -22.62 -15.03 0.55
C GLU B 88 -21.55 -13.99 0.85
N LEU B 89 -20.89 -14.08 2.03
CA LEU B 89 -19.89 -13.11 2.42
C LEU B 89 -18.50 -13.57 2.07
N VAL B 90 -18.36 -14.83 1.68
CA VAL B 90 -17.01 -15.41 1.59
C VAL B 90 -16.24 -14.86 0.41
N ARG B 91 -16.82 -14.94 -0.80
CA ARG B 91 -16.11 -14.41 -1.96
C ARG B 91 -15.86 -12.92 -1.86
N PRO B 92 -16.81 -12.09 -1.46
CA PRO B 92 -16.47 -10.68 -1.31
C PRO B 92 -15.35 -10.46 -0.30
N ALA B 93 -15.29 -11.26 0.77
CA ALA B 93 -14.24 -11.09 1.74
C ALA B 93 -12.89 -11.42 1.12
N LEU B 94 -12.83 -12.46 0.31
CA LEU B 94 -11.56 -12.78 -0.38
C LEU B 94 -11.22 -11.68 -1.39
N GLU B 95 -12.19 -11.22 -2.17
CA GLU B 95 -11.84 -10.17 -3.14
C GLU B 95 -11.37 -8.88 -2.47
N ASN B 96 -11.93 -8.54 -1.32
CA ASN B 96 -11.45 -7.40 -0.54
C ASN B 96 -10.02 -7.62 -0.07
N SER B 97 -9.72 -8.81 0.44
CA SER B 97 -8.36 -9.13 0.82
C SER B 97 -7.40 -8.94 -0.35
N LEU B 98 -7.79 -9.44 -1.51
CA LEU B 98 -6.97 -9.32 -2.71
C LEU B 98 -6.77 -7.86 -3.12
N LYS B 99 -7.83 -7.04 -3.05
CA LYS B 99 -7.67 -5.63 -3.40
C LYS B 99 -6.75 -4.93 -2.42
N LYS B 100 -6.88 -5.28 -1.14
CA LYS B 100 -6.04 -4.66 -0.15
C LYS B 100 -4.58 -5.01 -0.41
N ALA B 101 -4.31 -6.29 -0.68
CA ALA B 101 -2.95 -6.76 -0.89
C ALA B 101 -2.42 -6.47 -2.29
N GLN B 102 -3.26 -6.00 -3.20
CA GLN B 102 -2.91 -5.87 -4.64
C GLN B 102 -2.32 -7.15 -5.21
N LEU B 103 -3.03 -8.24 -5.00
CA LEU B 103 -2.75 -9.52 -5.61
C LEU B 103 -3.90 -10.00 -6.45
N ASP B 104 -3.58 -10.82 -7.46
CA ASP B 104 -4.63 -11.43 -8.25
C ASP B 104 -5.16 -12.69 -7.59
N TYR B 105 -4.37 -13.29 -6.71
CA TYR B 105 -4.76 -14.55 -6.10
C TYR B 105 -3.96 -14.69 -4.81
N VAL B 106 -4.51 -15.47 -3.87
CA VAL B 106 -3.73 -15.90 -2.73
C VAL B 106 -3.34 -17.35 -2.97
N ASP B 107 -2.18 -17.72 -2.46
CA ASP B 107 -1.82 -19.13 -2.59
C ASP B 107 -2.63 -20.01 -1.67
N LEU B 108 -3.10 -19.45 -0.54
CA LEU B 108 -3.87 -20.27 0.40
C LEU B 108 -4.87 -19.38 1.10
N TYR B 109 -6.14 -19.78 1.10
CA TYR B 109 -7.20 -19.06 1.83
C TYR B 109 -7.74 -20.00 2.91
N LEU B 110 -7.74 -19.54 4.16
CA LEU B 110 -8.19 -20.38 5.27
C LEU B 110 -9.48 -19.86 5.89
N ILE B 111 -10.31 -20.76 6.40
CA ILE B 111 -11.26 -20.37 7.46
C ILE B 111 -10.46 -20.15 8.74
N HIS B 112 -10.46 -18.91 9.27
CA HIS B 112 -9.55 -18.57 10.37
C HIS B 112 -9.88 -19.37 11.62
N SER B 113 -11.17 -19.58 11.88
CA SER B 113 -11.60 -20.24 13.10
C SER B 113 -13.01 -20.79 12.88
N PRO B 114 -13.37 -21.89 13.53
CA PRO B 114 -14.77 -22.39 13.41
C PRO B 114 -15.77 -21.58 14.24
N MET B 115 -15.30 -20.64 15.04
CA MET B 115 -16.18 -19.96 16.01
C MET B 115 -16.78 -18.71 15.35
N SER B 116 -17.95 -18.90 14.69
CA SER B 116 -18.57 -17.86 13.90
C SER B 116 -19.06 -16.71 14.76
N LEU B 117 -18.94 -15.51 14.23
CA LEU B 117 -19.37 -14.30 14.93
C LEU B 117 -20.38 -13.53 14.10
N LYS B 118 -21.11 -12.65 14.79
CA LYS B 118 -22.13 -11.87 14.10
C LYS B 118 -21.57 -11.08 12.91
N PRO B 119 -22.20 -11.13 11.74
CA PRO B 119 -21.71 -10.35 10.60
C PRO B 119 -21.81 -8.87 10.84
N GLY B 120 -20.92 -8.11 10.19
CA GLY B 120 -20.92 -6.68 10.34
C GLY B 120 -19.52 -6.10 10.17
N GLU B 121 -19.42 -4.85 10.61
CA GLU B 121 -18.23 -4.03 10.43
C GLU B 121 -17.15 -4.36 11.45
N GLU B 122 -17.54 -4.77 12.65
CA GLU B 122 -16.57 -4.94 13.71
C GLU B 122 -15.94 -6.32 13.64
N LEU B 123 -14.63 -6.35 13.90
CA LEU B 123 -13.97 -7.64 14.02
C LEU B 123 -14.51 -8.44 15.19
N SER B 124 -14.88 -7.76 16.28
CA SER B 124 -15.25 -8.40 17.53
C SER B 124 -16.59 -7.78 17.92
N PRO B 125 -17.68 -8.20 17.28
CA PRO B 125 -18.99 -7.63 17.57
C PRO B 125 -19.35 -7.90 19.03
N THR B 126 -19.72 -6.84 19.73
CA THR B 126 -19.86 -6.92 21.19
C THR B 126 -21.24 -6.39 21.56
N ASP B 127 -21.91 -7.04 22.51
CA ASP B 127 -23.28 -6.64 22.82
C ASP B 127 -23.31 -5.62 23.97
N GLU B 128 -24.52 -5.24 24.36
CA GLU B 128 -24.66 -4.23 25.41
C GLU B 128 -24.12 -4.67 26.77
N ASN B 129 -23.82 -5.97 26.98
CA ASN B 129 -23.20 -6.45 28.20
C ASN B 129 -21.72 -6.76 28.03
N GLY B 130 -21.10 -6.28 26.96
CA GLY B 130 -19.68 -6.45 26.75
C GLY B 130 -19.28 -7.85 26.34
N LYS B 131 -20.25 -8.68 25.97
CA LYS B 131 -19.97 -10.04 25.47
C LYS B 131 -19.87 -10.08 23.96
N VAL B 132 -18.91 -10.85 23.46
CA VAL B 132 -18.79 -11.05 22.02
C VAL B 132 -20.01 -11.82 21.52
N ILE B 133 -20.50 -11.44 20.32
CA ILE B 133 -21.78 -11.95 19.80
C ILE B 133 -21.48 -13.07 18.81
N PHE B 134 -21.90 -14.26 19.18
CA PHE B 134 -21.73 -15.44 18.34
C PHE B 134 -22.77 -15.47 17.22
N ASP B 135 -22.45 -16.21 16.16
CA ASP B 135 -23.40 -16.49 15.09
C ASP B 135 -23.42 -18.00 14.87
N ILE B 136 -24.49 -18.51 14.28
CA ILE B 136 -24.63 -19.94 14.02
C ILE B 136 -24.58 -20.11 12.52
N VAL B 137 -23.54 -20.76 12.01
CA VAL B 137 -23.38 -20.96 10.58
C VAL B 137 -23.01 -22.41 10.36
N ASP B 138 -23.63 -23.03 9.37
CA ASP B 138 -23.25 -24.37 8.94
C ASP B 138 -21.94 -24.24 8.18
N LEU B 139 -20.86 -24.66 8.82
CA LEU B 139 -19.54 -24.48 8.20
C LEU B 139 -19.33 -25.31 6.93
N CYS B 140 -20.17 -26.32 6.65
CA CYS B 140 -20.08 -26.96 5.35
C CYS B 140 -20.55 -26.00 4.25
N THR B 141 -21.47 -25.08 4.57
CA THR B 141 -21.82 -24.07 3.56
C THR B 141 -20.73 -23.03 3.39
N THR B 142 -20.08 -22.64 4.49
CA THR B 142 -18.90 -21.80 4.35
C THR B 142 -17.85 -22.48 3.46
N TRP B 143 -17.62 -23.77 3.69
CA TRP B 143 -16.63 -24.49 2.89
C TRP B 143 -17.04 -24.55 1.41
N GLU B 144 -18.34 -24.75 1.13
CA GLU B 144 -18.74 -24.73 -0.28
C GLU B 144 -18.42 -23.41 -0.94
N ALA B 145 -18.54 -22.30 -0.19
CA ALA B 145 -18.17 -21.02 -0.78
C ALA B 145 -16.65 -20.87 -0.94
N MET B 146 -15.88 -21.44 -0.02
CA MET B 146 -14.42 -21.49 -0.14
C MET B 146 -14.04 -22.27 -1.41
N GLU B 147 -14.73 -23.38 -1.65
CA GLU B 147 -14.40 -24.20 -2.81
C GLU B 147 -14.64 -23.41 -4.10
N LYS B 148 -15.68 -22.60 -4.12
CA LYS B 148 -15.97 -21.78 -5.29
C LYS B 148 -14.86 -20.76 -5.53
N CYS B 149 -14.24 -20.26 -4.46
CA CYS B 149 -13.08 -19.37 -4.60
C CYS B 149 -11.90 -20.09 -5.22
N LYS B 150 -11.69 -21.36 -4.89
CA LYS B 150 -10.64 -22.12 -5.56
C LYS B 150 -11.02 -22.34 -7.02
N ASP B 151 -12.30 -22.67 -7.26
CA ASP B 151 -12.79 -22.90 -8.63
C ASP B 151 -12.47 -21.70 -9.50
N ALA B 152 -12.66 -20.51 -8.97
CA ALA B 152 -12.51 -19.27 -9.69
C ALA B 152 -11.07 -18.83 -9.82
N GLY B 153 -10.14 -19.53 -9.18
CA GLY B 153 -8.76 -19.14 -9.26
C GLY B 153 -8.33 -18.05 -8.32
N LEU B 154 -9.20 -17.59 -7.42
CA LEU B 154 -8.82 -16.52 -6.51
C LEU B 154 -7.95 -17.04 -5.37
N ALA B 155 -8.09 -18.31 -5.05
CA ALA B 155 -7.22 -19.00 -4.12
C ALA B 155 -6.66 -20.24 -4.79
N LYS B 156 -5.35 -20.43 -4.76
CA LYS B 156 -4.81 -21.66 -5.37
C LYS B 156 -5.14 -22.88 -4.53
N SER B 157 -5.14 -22.73 -3.20
CA SER B 157 -5.50 -23.78 -2.28
C SER B 157 -6.39 -23.21 -1.19
N ILE B 158 -7.17 -24.10 -0.57
CA ILE B 158 -8.04 -23.69 0.53
C ILE B 158 -7.82 -24.65 1.69
N GLY B 159 -7.94 -24.09 2.91
CA GLY B 159 -7.79 -24.92 4.08
C GLY B 159 -8.51 -24.30 5.26
N VAL B 160 -8.25 -24.85 6.47
CA VAL B 160 -8.92 -24.38 7.66
C VAL B 160 -7.91 -24.12 8.77
N SER B 161 -8.42 -23.52 9.85
CA SER B 161 -7.55 -23.21 10.98
C SER B 161 -8.34 -23.32 12.26
N ASN B 162 -7.70 -23.86 13.31
CA ASN B 162 -8.32 -24.02 14.64
C ASN B 162 -9.45 -25.06 14.64
N PHE B 163 -9.49 -25.97 13.66
CA PHE B 163 -10.44 -27.05 13.67
C PHE B 163 -9.93 -28.23 14.49
N ASN B 164 -10.88 -28.93 15.12
CA ASN B 164 -10.53 -30.16 15.79
C ASN B 164 -10.90 -31.30 14.86
N ARG B 165 -10.63 -32.52 15.32
CA ARG B 165 -10.85 -33.69 14.47
C ARG B 165 -12.31 -33.78 14.04
N ARG B 166 -13.23 -33.62 14.99
CA ARG B 166 -14.66 -33.71 14.66
C ARG B 166 -15.08 -32.66 13.62
N GLN B 167 -14.50 -31.47 13.70
CA GLN B 167 -14.83 -30.42 12.75
C GLN B 167 -14.25 -30.72 11.38
N LEU B 168 -13.04 -31.27 11.34
CA LEU B 168 -12.49 -31.64 10.05
C LEU B 168 -13.30 -32.74 9.44
N GLU B 169 -13.73 -33.70 10.28
CA GLU B 169 -14.56 -34.81 9.77
C GLU B 169 -15.85 -34.29 9.16
N MET B 170 -16.42 -33.22 9.73
CA MET B 170 -17.64 -32.67 9.17
C MET B 170 -17.42 -32.21 7.74
N ILE B 171 -16.27 -31.58 7.45
CA ILE B 171 -15.99 -31.17 6.07
C ILE B 171 -15.68 -32.41 5.23
N LEU B 172 -14.82 -33.28 5.74
CA LEU B 172 -14.32 -34.37 4.92
C LEU B 172 -15.43 -35.33 4.51
N ASN B 173 -16.47 -35.42 5.34
CA ASN B 173 -17.58 -36.34 5.10
C ASN B 173 -18.78 -35.63 4.47
N LYS B 174 -18.61 -34.37 4.11
CA LYS B 174 -19.69 -33.58 3.50
C LYS B 174 -20.08 -34.19 2.16
N PRO B 175 -21.37 -34.49 1.93
CA PRO B 175 -21.83 -34.89 0.59
C PRO B 175 -21.42 -33.86 -0.46
N GLY B 176 -20.85 -34.35 -1.55
CA GLY B 176 -20.55 -33.48 -2.68
C GLY B 176 -19.22 -32.76 -2.57
N LEU B 177 -18.38 -33.14 -1.62
CA LEU B 177 -17.13 -32.42 -1.36
C LEU B 177 -16.31 -32.31 -2.63
N LYS B 178 -15.85 -31.09 -2.95
CA LYS B 178 -14.99 -30.88 -4.11
C LYS B 178 -13.53 -30.95 -3.76
N TYR B 179 -13.16 -30.29 -2.67
CA TYR B 179 -11.76 -30.22 -2.28
C TYR B 179 -11.63 -30.45 -0.79
N LYS B 180 -10.71 -31.33 -0.39
CA LYS B 180 -10.36 -31.42 1.02
C LYS B 180 -9.64 -30.14 1.43
N PRO B 181 -9.68 -29.78 2.70
CA PRO B 181 -8.74 -28.74 3.14
C PRO B 181 -7.32 -29.24 2.95
N VAL B 182 -6.46 -28.34 2.45
CA VAL B 182 -5.07 -28.79 2.30
C VAL B 182 -4.35 -28.78 3.63
N CYS B 183 -4.86 -28.04 4.61
CA CYS B 183 -4.13 -27.90 5.86
C CYS B 183 -5.12 -27.50 6.94
N ASN B 184 -4.65 -27.68 8.16
CA ASN B 184 -5.34 -27.21 9.36
C ASN B 184 -4.29 -26.49 10.16
N GLN B 185 -4.38 -25.15 10.22
CA GLN B 185 -3.41 -24.32 10.95
C GLN B 185 -3.85 -24.23 12.40
N VAL B 186 -3.01 -24.74 13.33
CA VAL B 186 -3.46 -24.93 14.70
C VAL B 186 -2.31 -24.56 15.62
N GLU B 187 -2.68 -24.26 16.87
CA GLU B 187 -1.67 -24.01 17.88
C GLU B 187 -0.89 -25.29 18.11
N CYS B 188 0.44 -25.20 18.05
CA CYS B 188 1.23 -26.41 18.09
C CYS B 188 2.67 -26.05 18.46
N HIS B 189 3.15 -26.61 19.58
CA HIS B 189 4.50 -26.30 20.12
C HIS B 189 4.79 -27.39 21.15
N PRO B 190 6.00 -27.43 21.73
CA PRO B 190 6.30 -28.56 22.62
C PRO B 190 5.42 -28.68 23.83
N TYR B 191 4.78 -27.60 24.29
CA TYR B 191 3.87 -27.77 25.43
C TYR B 191 2.47 -28.25 25.01
N PHE B 192 2.18 -28.29 23.71
CA PHE B 192 0.85 -28.67 23.18
C PHE B 192 1.13 -29.20 21.78
N ASN B 193 1.58 -30.44 21.66
CA ASN B 193 2.22 -30.81 20.41
C ASN B 193 1.28 -31.48 19.43
N ARG B 194 0.02 -31.68 19.81
CA ARG B 194 -1.04 -32.09 18.89
C ARG B 194 -0.74 -33.42 18.23
N SER B 195 -0.08 -34.35 18.95
CA SER B 195 0.33 -35.59 18.29
C SER B 195 -0.86 -36.34 17.70
N LYS B 196 -1.98 -36.33 18.41
CA LYS B 196 -3.13 -37.09 17.93
C LYS B 196 -3.75 -36.43 16.70
N LEU B 197 -3.91 -35.12 16.76
CA LEU B 197 -4.46 -34.43 15.60
C LEU B 197 -3.53 -34.53 14.42
N LEU B 198 -2.22 -34.48 14.70
CA LEU B 198 -1.23 -34.59 13.63
C LEU B 198 -1.36 -35.94 12.95
N ASP B 199 -1.51 -37.00 13.74
CA ASP B 199 -1.67 -38.32 13.17
C ASP B 199 -2.94 -38.41 12.33
N PHE B 200 -4.04 -37.84 12.83
CA PHE B 200 -5.27 -37.81 12.08
C PHE B 200 -5.07 -37.09 10.75
N CYS B 201 -4.42 -35.92 10.80
CA CYS B 201 -4.22 -35.16 9.58
C CYS B 201 -3.36 -35.94 8.58
N LYS B 202 -2.32 -36.60 9.07
CA LYS B 202 -1.49 -37.41 8.18
C LYS B 202 -2.34 -38.45 7.47
N SER B 203 -3.29 -39.06 8.19
CA SER B 203 -4.06 -40.15 7.59
C SER B 203 -5.00 -39.65 6.52
N LYS B 204 -5.27 -38.34 6.50
CA LYS B 204 -6.15 -37.72 5.53
C LYS B 204 -5.44 -36.93 4.46
N ASP B 205 -4.10 -36.92 4.43
CA ASP B 205 -3.35 -36.10 3.46
C ASP B 205 -3.57 -34.61 3.73
N ILE B 206 -3.72 -34.21 5.00
CA ILE B 206 -3.89 -32.80 5.38
C ILE B 206 -2.62 -32.39 6.12
N VAL B 207 -2.05 -31.24 5.78
CA VAL B 207 -0.87 -30.73 6.44
C VAL B 207 -1.27 -30.04 7.74
N LEU B 208 -0.59 -30.35 8.84
CA LEU B 208 -0.74 -29.51 10.01
C LEU B 208 0.24 -28.34 9.93
N VAL B 209 -0.26 -27.12 10.15
CA VAL B 209 0.58 -25.93 10.16
C VAL B 209 0.56 -25.42 11.57
N ALA B 210 1.76 -25.26 12.18
CA ALA B 210 1.80 -24.87 13.58
C ALA B 210 1.92 -23.35 13.70
N TYR B 211 1.03 -22.75 14.49
CA TYR B 211 1.23 -21.39 14.98
C TYR B 211 1.54 -21.41 16.47
N SER B 212 2.06 -20.27 16.91
CA SER B 212 2.56 -20.10 18.27
C SER B 212 3.61 -21.15 18.55
N ALA B 213 4.33 -21.51 17.49
CA ALA B 213 5.34 -22.55 17.60
C ALA B 213 6.53 -22.09 18.45
N LEU B 214 6.68 -20.80 18.68
CA LEU B 214 7.71 -20.29 19.57
C LEU B 214 7.11 -19.92 20.90
N GLY B 215 5.90 -20.36 21.17
CA GLY B 215 5.30 -20.09 22.45
C GLY B 215 4.37 -18.90 22.51
N SER B 216 4.03 -18.29 21.36
CA SER B 216 3.08 -17.19 21.28
C SER B 216 3.70 -15.87 21.70
N GLN B 217 3.07 -14.77 21.31
CA GLN B 217 3.51 -13.45 21.73
C GLN B 217 3.10 -13.11 23.14
N ARG B 218 2.44 -14.04 23.82
CA ARG B 218 2.05 -13.84 25.23
C ARG B 218 1.28 -12.55 25.40
N ASP B 219 0.37 -12.32 24.47
CA ASP B 219 -0.38 -11.08 24.45
C ASP B 219 -1.15 -10.97 25.75
N LYS B 220 -0.99 -9.83 26.41
CA LYS B 220 -1.47 -9.60 27.76
C LYS B 220 -3.01 -9.63 27.81
N ARG B 221 -3.65 -10.04 26.71
CA ARG B 221 -5.10 -10.17 26.61
C ARG B 221 -5.59 -11.60 26.48
N TRP B 222 -4.88 -12.50 25.80
CA TRP B 222 -5.31 -13.86 25.57
C TRP B 222 -4.50 -14.88 26.30
N VAL B 223 -3.48 -14.45 27.01
CA VAL B 223 -2.48 -15.37 27.57
C VAL B 223 -2.23 -15.03 29.03
N ASP B 224 -2.34 -16.03 29.91
CA ASP B 224 -2.06 -15.78 31.32
C ASP B 224 -0.56 -15.56 31.52
N PRO B 225 -0.17 -14.47 32.19
CA PRO B 225 1.27 -14.17 32.33
C PRO B 225 2.02 -15.15 33.21
N ASN B 226 1.32 -16.00 33.96
CA ASN B 226 1.96 -17.04 34.76
C ASN B 226 2.18 -18.33 33.99
N SER B 227 1.67 -18.41 32.75
CA SER B 227 1.88 -19.61 31.98
C SER B 227 3.37 -19.80 31.69
N PRO B 228 3.82 -21.04 31.57
CA PRO B 228 5.24 -21.27 31.28
C PRO B 228 5.67 -20.63 29.98
N VAL B 229 6.90 -20.13 30.00
CA VAL B 229 7.51 -19.42 28.87
C VAL B 229 8.26 -20.46 28.05
N LEU B 230 7.79 -20.76 26.86
CA LEU B 230 8.39 -21.83 26.10
C LEU B 230 9.86 -21.64 25.78
N LEU B 231 10.24 -20.43 25.37
CA LEU B 231 11.62 -20.30 24.92
C LEU B 231 12.59 -20.27 26.09
N GLU B 232 12.10 -20.31 27.32
CA GLU B 232 12.95 -20.42 28.50
C GLU B 232 13.02 -21.84 29.04
N ASP B 233 12.39 -22.78 28.36
CA ASP B 233 12.30 -24.14 28.85
C ASP B 233 13.68 -24.76 28.98
N PRO B 234 13.97 -25.48 30.08
CA PRO B 234 15.33 -25.99 30.28
C PRO B 234 15.75 -27.05 29.29
N VAL B 235 14.81 -27.90 28.86
CA VAL B 235 15.13 -28.88 27.82
C VAL B 235 15.51 -28.17 26.52
N LEU B 236 14.71 -27.22 26.07
CA LEU B 236 15.07 -26.53 24.82
C LEU B 236 16.38 -25.78 24.97
N CYS B 237 16.64 -25.23 26.16
CA CYS B 237 17.90 -24.54 26.37
C CYS B 237 19.08 -25.51 26.35
N ALA B 238 18.94 -26.67 27.01
CA ALA B 238 20.01 -27.66 26.95
C ALA B 238 20.30 -28.07 25.52
N LEU B 239 19.24 -28.30 24.73
CA LEU B 239 19.39 -28.68 23.34
C LEU B 239 20.02 -27.57 22.50
N ALA B 240 19.70 -26.31 22.81
CA ALA B 240 20.30 -25.20 22.07
C ALA B 240 21.81 -25.16 22.31
N LYS B 241 22.23 -25.37 23.55
CA LYS B 241 23.67 -25.39 23.84
C LYS B 241 24.34 -26.55 23.13
N LYS B 242 23.72 -27.73 23.17
CA LYS B 242 24.30 -28.91 22.55
C LYS B 242 24.52 -28.69 21.06
N HIS B 243 23.55 -28.08 20.38
CA HIS B 243 23.67 -27.87 18.95
C HIS B 243 24.25 -26.52 18.58
N LYS B 244 24.55 -25.66 19.55
CA LYS B 244 25.06 -24.31 19.26
C LYS B 244 24.04 -23.56 18.41
N ARG B 245 22.78 -23.64 18.85
CA ARG B 245 21.67 -22.95 18.21
C ARG B 245 20.99 -22.15 19.31
N THR B 246 19.73 -21.78 19.09
CA THR B 246 18.90 -21.11 20.06
C THR B 246 17.65 -21.91 20.35
N PRO B 247 17.01 -21.68 21.50
CA PRO B 247 15.75 -22.40 21.79
C PRO B 247 14.71 -22.21 20.70
N ALA B 248 14.52 -20.99 20.16
CA ALA B 248 13.58 -20.81 19.05
C ALA B 248 13.91 -21.77 17.91
N LEU B 249 15.19 -21.88 17.56
CA LEU B 249 15.55 -22.77 16.45
C LEU B 249 15.26 -24.21 16.80
N ILE B 250 15.47 -24.61 18.06
CA ILE B 250 15.17 -26.00 18.40
C ILE B 250 13.67 -26.25 18.27
N ALA B 251 12.85 -25.29 18.73
CA ALA B 251 11.39 -25.43 18.66
C ALA B 251 10.91 -25.51 17.20
N LEU B 252 11.48 -24.69 16.30
CA LEU B 252 11.13 -24.81 14.88
C LEU B 252 11.60 -26.13 14.28
N ARG B 253 12.85 -26.53 14.52
CA ARG B 253 13.31 -27.75 13.88
C ARG B 253 12.51 -28.97 14.34
N TYR B 254 12.05 -28.94 15.59
CA TYR B 254 11.20 -30.01 16.11
C TYR B 254 10.02 -30.25 15.19
N GLN B 255 9.32 -29.16 14.84
CA GLN B 255 8.15 -29.31 13.98
C GLN B 255 8.54 -29.83 12.61
N LEU B 256 9.64 -29.31 12.04
CA LEU B 256 10.00 -29.77 10.71
C LEU B 256 10.26 -31.27 10.71
N GLN B 257 10.93 -31.79 11.76
CA GLN B 257 11.29 -33.21 11.72
C GLN B 257 10.10 -34.12 12.01
N ARG B 258 9.01 -33.58 12.52
CA ARG B 258 7.84 -34.41 12.67
C ARG B 258 6.82 -34.17 11.57
N GLY B 259 7.20 -33.47 10.51
CA GLY B 259 6.32 -33.35 9.36
C GLY B 259 5.29 -32.25 9.49
N VAL B 260 5.55 -31.28 10.34
CA VAL B 260 4.66 -30.15 10.59
C VAL B 260 5.26 -28.94 9.87
N VAL B 261 4.44 -28.19 9.16
CA VAL B 261 4.86 -26.92 8.57
C VAL B 261 4.81 -25.88 9.67
N VAL B 262 5.83 -25.01 9.79
CA VAL B 262 5.92 -24.20 10.99
C VAL B 262 5.95 -22.74 10.63
N LEU B 263 5.15 -21.95 11.34
CA LEU B 263 5.21 -20.50 11.20
C LEU B 263 6.12 -19.94 12.28
N ALA B 264 6.70 -18.80 11.99
CA ALA B 264 7.47 -18.09 12.99
C ALA B 264 7.27 -16.60 12.81
N LYS B 265 6.71 -15.92 13.83
CA LYS B 265 6.59 -14.47 13.77
C LYS B 265 7.81 -13.83 14.45
N SER B 266 8.37 -12.84 13.78
CA SER B 266 9.30 -11.95 14.47
C SER B 266 9.23 -10.62 13.76
N TYR B 267 9.25 -9.52 14.55
CA TYR B 267 9.33 -8.17 14.02
C TYR B 267 10.69 -7.57 14.29
N ASN B 268 11.66 -8.43 14.61
CA ASN B 268 13.04 -8.00 14.86
C ASN B 268 13.93 -8.53 13.74
N GLU B 269 14.64 -7.66 13.06
CA GLU B 269 15.49 -8.08 11.95
C GLU B 269 16.42 -9.25 12.26
N GLN B 270 17.09 -9.16 13.39
CA GLN B 270 18.06 -10.22 13.66
C GLN B 270 17.39 -11.57 13.93
N ARG B 271 16.23 -11.57 14.62
CA ARG B 271 15.55 -12.83 14.88
C ARG B 271 14.92 -13.39 13.61
N ILE B 272 14.42 -12.52 12.74
CA ILE B 272 13.95 -12.98 11.44
C ILE B 272 15.03 -13.75 10.74
N ARG B 273 16.23 -13.16 10.67
CA ARG B 273 17.33 -13.80 9.96
C ARG B 273 17.82 -15.05 10.66
N GLN B 274 17.79 -15.07 11.99
CA GLN B 274 18.14 -16.28 12.73
C GLN B 274 17.20 -17.45 12.37
N ASN B 275 15.92 -17.17 12.19
CA ASN B 275 14.97 -18.27 12.10
C ASN B 275 15.16 -19.11 10.85
N VAL B 276 15.69 -18.52 9.78
CA VAL B 276 15.90 -19.34 8.59
C VAL B 276 17.04 -20.32 8.77
N GLN B 277 17.87 -20.18 9.84
CA GLN B 277 18.88 -21.20 10.14
C GLN B 277 18.26 -22.55 10.58
N VAL B 278 16.94 -22.67 10.69
CA VAL B 278 16.37 -23.97 11.01
C VAL B 278 16.74 -25.04 10.01
N PHE B 279 17.11 -24.67 8.77
CA PHE B 279 17.47 -25.66 7.76
C PHE B 279 18.90 -26.14 7.89
N GLU B 280 19.67 -25.57 8.80
CA GLU B 280 21.12 -25.77 8.86
C GLU B 280 21.58 -26.90 9.77
N PHE B 281 20.70 -27.50 10.55
CA PHE B 281 21.09 -28.51 11.52
C PHE B 281 19.96 -29.52 11.68
N GLN B 282 20.24 -30.57 12.45
CA GLN B 282 19.28 -31.65 12.64
C GLN B 282 19.29 -32.05 14.09
N LEU B 283 18.11 -32.39 14.60
CA LEU B 283 17.93 -32.96 15.93
C LEU B 283 18.02 -34.48 15.85
N THR B 284 18.62 -35.10 16.88
CA THR B 284 18.70 -36.57 16.89
C THR B 284 17.39 -37.14 17.35
N ALA B 285 17.22 -38.45 17.14
CA ALA B 285 16.01 -39.12 17.59
C ALA B 285 15.83 -38.99 19.09
N GLU B 286 16.91 -39.12 19.86
CA GLU B 286 16.82 -38.90 21.30
C GLU B 286 16.42 -37.45 21.62
N ASP B 287 16.96 -36.46 20.88
CA ASP B 287 16.54 -35.07 21.09
C ASP B 287 15.05 -34.90 20.86
N MET B 288 14.53 -35.52 19.79
CA MET B 288 13.11 -35.43 19.47
C MET B 288 12.27 -36.01 20.61
N LYS B 289 12.72 -37.11 21.20
CA LYS B 289 12.00 -37.71 22.32
C LYS B 289 12.00 -36.82 23.55
N ALA B 290 13.10 -36.12 23.82
CA ALA B 290 13.11 -35.22 24.96
C ALA B 290 12.13 -34.08 24.76
N ILE B 291 12.05 -33.53 23.54
CA ILE B 291 11.06 -32.49 23.26
C ILE B 291 9.64 -33.04 23.37
N ASP B 292 9.42 -34.25 22.86
CA ASP B 292 8.12 -34.91 23.02
C ASP B 292 7.73 -34.97 24.48
N GLY B 293 8.71 -35.13 25.36
CA GLY B 293 8.44 -35.22 26.78
C GLY B 293 7.88 -33.97 27.41
N LEU B 294 7.92 -32.83 26.71
CA LEU B 294 7.46 -31.56 27.27
C LEU B 294 5.94 -31.36 27.17
N ASP B 295 5.28 -32.17 26.36
CA ASP B 295 3.85 -32.08 26.14
C ASP B 295 3.07 -32.01 27.45
N ARG B 296 2.27 -30.92 27.64
CA ARG B 296 1.55 -30.72 28.90
C ARG B 296 0.15 -30.19 28.67
N ASN B 297 -0.34 -30.20 27.44
CA ASN B 297 -1.70 -29.75 27.10
C ASN B 297 -1.91 -28.28 27.48
N LEU B 298 -0.91 -27.45 27.19
CA LEU B 298 -0.97 -26.02 27.49
C LEU B 298 -1.36 -25.22 26.26
N HIS B 299 -2.53 -24.58 26.30
CA HIS B 299 -3.00 -23.75 25.20
C HIS B 299 -2.69 -22.32 25.58
N TYR B 300 -1.85 -21.63 24.79
CA TYR B 300 -1.63 -20.22 25.11
C TYR B 300 -2.89 -19.42 24.88
N PHE B 301 -3.59 -19.74 23.83
CA PHE B 301 -4.85 -19.07 23.56
C PHE B 301 -5.98 -19.70 24.38
N ASN B 302 -6.50 -18.95 25.35
CA ASN B 302 -7.59 -19.43 26.22
C ASN B 302 -8.46 -18.26 26.65
N SER B 303 -9.39 -17.84 25.84
CA SER B 303 -10.20 -16.64 26.12
C SER B 303 -11.41 -16.76 27.02
N ASP B 304 -11.98 -17.93 27.20
CA ASP B 304 -13.09 -18.05 28.16
C ASP B 304 -14.34 -17.48 27.59
N SER B 305 -14.23 -16.30 27.03
CA SER B 305 -15.35 -15.72 26.35
C SER B 305 -15.63 -16.54 25.12
N PHE B 306 -14.72 -17.46 24.79
CA PHE B 306 -14.90 -18.32 23.63
C PHE B 306 -15.11 -19.77 24.02
N ALA B 307 -14.73 -20.16 25.24
CA ALA B 307 -14.91 -21.54 25.68
C ALA B 307 -16.37 -21.96 25.66
N SER B 308 -17.32 -21.00 25.71
CA SER B 308 -18.75 -21.33 25.60
C SER B 308 -19.25 -21.40 24.16
N HIS B 309 -18.43 -21.09 23.17
CA HIS B 309 -18.92 -21.14 21.81
C HIS B 309 -19.22 -22.59 21.42
N PRO B 310 -20.33 -22.85 20.75
CA PRO B 310 -20.64 -24.23 20.33
C PRO B 310 -19.54 -24.84 19.46
N ASN B 311 -18.79 -24.04 18.72
CA ASN B 311 -17.71 -24.61 17.92
C ASN B 311 -16.35 -24.46 18.57
N TYR B 312 -16.30 -24.16 19.86
CA TYR B 312 -15.01 -24.16 20.54
C TYR B 312 -14.28 -25.49 20.30
N PRO B 313 -13.03 -25.48 19.82
CA PRO B 313 -12.44 -26.75 19.36
C PRO B 313 -11.76 -27.59 20.44
N TYR B 314 -11.52 -27.04 21.61
CA TYR B 314 -10.81 -27.78 22.63
C TYR B 314 -11.80 -28.44 23.58
N SER B 315 -11.41 -29.52 24.22
CA SER B 315 -12.35 -30.26 25.08
C SER B 315 -11.86 -31.60 25.52
PA NAP C . 8.47 19.24 -3.72
O1A NAP C . 8.77 19.55 -5.16
O2A NAP C . 8.13 17.83 -3.30
O5B NAP C . 9.67 19.84 -2.81
C5B NAP C . 9.58 19.70 -1.41
C4B NAP C . 10.70 20.49 -0.77
O4B NAP C . 12.04 19.95 -1.39
C3B NAP C . 10.72 21.81 -1.10
O3B NAP C . 10.09 22.62 -0.03
C2B NAP C . 12.22 22.25 -1.19
O2B NAP C . 12.59 23.09 -0.15
C1B NAP C . 12.99 20.91 -1.10
N9A NAP C . 13.94 20.88 -2.21
C8A NAP C . 13.91 21.25 -3.50
N7A NAP C . 15.04 20.92 -4.10
C5A NAP C . 15.79 20.33 -3.13
C6A NAP C . 17.07 19.86 -3.34
N6A NAP C . 17.93 19.82 -4.46
N1A NAP C . 17.71 19.28 -2.30
C2A NAP C . 17.08 19.21 -1.10
N3A NAP C . 15.79 19.70 -0.91
C4A NAP C . 15.16 20.28 -1.96
O3 NAP C . 7.25 20.27 -3.25
PN NAP C . 5.68 20.37 -3.58
O1N NAP C . 5.38 21.84 -3.32
O2N NAP C . 4.97 19.39 -2.73
O5D NAP C . 5.43 19.91 -5.13
C5D NAP C . 6.04 20.69 -6.16
C4D NAP C . 5.07 21.67 -6.86
O4D NAP C . 4.02 20.71 -7.40
C3D NAP C . 4.34 22.46 -6.08
O3D NAP C . 5.03 23.72 -5.81
C2D NAP C . 3.07 22.77 -7.02
O2D NAP C . 3.52 23.65 -8.10
C1D NAP C . 2.74 21.52 -7.53
N1N NAP C . 1.77 20.81 -6.62
C2N NAP C . 0.53 20.61 -7.14
C3N NAP C . -0.41 19.93 -6.35
C7N NAP C . -1.77 19.67 -6.97
O7N NAP C . -2.72 19.37 -6.26
N7N NAP C . -1.90 19.66 -8.41
C4N NAP C . -0.13 19.53 -5.11
C5N NAP C . 1.13 19.75 -4.62
C6N NAP C . 2.08 20.37 -5.39
P2B NAP C . 13.35 24.57 -0.45
O1X NAP C . 12.31 25.40 -1.08
O2X NAP C . 13.72 25.07 0.96
O3X NAP C . 14.46 24.32 -1.42
N1 A1EC3 D . -5.05 19.38 -2.54
C4 A1EC3 D . -8.10 24.84 1.02
C5 A1EC3 D . -8.88 23.81 0.48
C6 A1EC3 D . -6.18 24.07 -0.19
C7 A1EC3 D . -6.96 23.06 -0.72
C8 A1EC3 D . -8.30 22.91 -0.41
C10 A1EC3 D . -7.17 20.95 -2.17
C13 A1EC3 D . -3.16 20.99 -2.01
C15 A1EC3 D . -1.68 22.12 -3.24
C17 A1EC3 D . -1.66 22.52 -1.92
C20 A1EC3 D . -5.01 16.98 -2.56
C21 A1EC3 D . -5.06 16.84 -1.17
C22 A1EC3 D . -5.56 15.52 -0.96
C24 A1EC3 D . -5.76 15.00 -2.23
C26 A1EC3 D . -6.32 22.13 -1.67
C1 A1EC3 D . -3.58 25.49 1.10
C11 A1EC3 D . -6.42 19.76 -2.83
C12 A1EC3 D . -4.23 20.02 -1.52
C14 A1EC3 D . -2.69 21.10 -3.31
C16 A1EC3 D . -0.84 22.60 -4.42
C18 A1EC3 D . -0.76 23.57 -1.31
C19 A1EC3 D . -4.55 18.23 -3.28
C2 A1EC3 D . -4.77 26.24 0.51
C23 A1EC3 D . -5.80 14.86 0.40
C25 A1EC3 D . -6.29 13.62 -2.57
C3 A1EC3 D . -6.75 24.98 0.69
C9 A1EC3 D . -8.36 20.67 -1.28
O1 A1EC3 D . -5.94 25.99 1.23
O2 A1EC3 D . -9.07 21.82 -1.02
O3 A1EC3 D . -1.37 22.55 -5.54
O4 A1EC3 D . 0.35 22.95 -4.26
O5 A1EC3 D . -2.54 21.84 -1.26
O6 A1EC3 D . -5.95 13.61 0.49
O7 A1EC3 D . -5.83 15.57 1.43
O8 A1EC3 D . -5.43 15.89 -3.13
O9 A1EC3 D . -6.99 19.15 -3.65
PA NAP E . 5.32 -17.08 17.57
O1A NAP E . 5.69 -17.55 16.22
O2A NAP E . 5.02 -18.19 18.51
O5B NAP E . 6.54 -16.14 18.18
C5B NAP E . 6.27 -15.51 19.39
C4B NAP E . 7.41 -14.53 19.67
O4B NAP E . 8.80 -15.27 19.46
C3B NAP E . 7.41 -13.56 18.78
O3B NAP E . 6.59 -12.39 19.27
C2B NAP E . 8.92 -13.17 18.64
O2B NAP E . 9.21 -12.00 19.25
C1B NAP E . 9.70 -14.35 19.26
N9A NAP E . 10.60 -14.81 18.22
C8A NAP E . 10.63 -15.03 16.92
N7A NAP E . 11.84 -15.49 16.63
C5A NAP E . 12.54 -15.54 17.78
C6A NAP E . 13.84 -15.93 17.97
N6A NAP E . 14.92 -16.42 17.17
N1A NAP E . 14.36 -15.91 19.21
C2A NAP E . 13.59 -15.49 20.24
N3A NAP E . 12.30 -15.09 20.05
C4A NAP E . 11.78 -15.12 18.80
O3 NAP E . 4.09 -15.98 17.51
PN NAP E . 2.51 -16.20 17.07
O1N NAP E . 2.04 -14.85 16.64
O2N NAP E . 1.72 -16.71 18.24
O5D NAP E . 2.36 -17.27 15.85
C5D NAP E . 3.08 -16.90 14.68
C4D NAP E . 2.11 -16.49 13.55
O4D NAP E . 1.09 -17.66 13.39
C3D NAP E . 1.38 -15.49 13.84
O3D NAP E . 1.98 -14.21 13.50
C2D NAP E . 0.10 -15.72 12.84
O2D NAP E . 0.56 -15.42 11.52
C1D NAP E . -0.20 -16.97 12.93
N1N NAP E . -1.24 -17.25 13.99
C2N NAP E . -2.40 -17.75 13.60
C3N NAP E . -3.38 -18.03 14.55
C7N NAP E . -4.71 -18.63 14.04
O7N NAP E . -5.70 -18.58 14.70
N7N NAP E . -4.67 -19.26 12.70
C4N NAP E . -3.17 -17.79 15.85
C5N NAP E . -1.97 -17.28 16.25
C6N NAP E . -1.00 -17.01 15.30
P2B NAP E . 9.87 -10.77 18.34
O1X NAP E . 8.85 -10.25 17.36
O2X NAP E . 10.29 -9.67 19.27
O3X NAP E . 11.05 -11.31 17.59
N1 A1EC3 F . -8.22 -16.87 18.07
C4 A1EC3 F . -11.03 -10.05 18.19
C5 A1EC3 F . -11.81 -11.19 18.29
C6 A1EC3 F . -9.07 -11.38 17.77
C7 A1EC3 F . -9.87 -12.53 17.85
C8 A1EC3 F . -11.24 -12.45 18.12
C10 A1EC3 F . -10.18 -15.08 17.65
C13 A1EC3 F . -6.30 -15.27 17.80
C15 A1EC3 F . -4.84 -14.79 16.18
C17 A1EC3 F . -4.92 -13.78 17.14
C20 A1EC3 F . -8.29 -19.03 19.13
C21 A1EC3 F . -8.50 -18.49 20.40
C22 A1EC3 F . -8.95 -19.59 21.18
C24 A1EC3 F . -8.96 -20.69 20.31
C26 A1EC3 F . -9.23 -13.84 17.65
C1 A1EC3 F . -8.97 -6.68 17.41
C11 A1EC3 F . -9.55 -16.51 17.59
C12 A1EC3 F . -7.32 -15.95 18.70
C14 A1EC3 F . -5.76 -15.79 16.62
C16 A1EC3 F . -3.96 -14.84 14.94
C18 A1EC3 F . -4.13 -12.48 17.12
C19 A1EC3 F . -7.80 -18.25 17.93
C2 A1EC3 F . -9.41 -8.07 16.95
C23 A1EC3 F . -9.34 -19.54 22.66
C25 A1EC3 F . -9.38 -22.10 20.65
C3 A1EC3 F . -9.65 -10.14 17.94
C9 A1EC3 F . -11.42 -14.84 18.46
O1 A1EC3 F . -8.86 -9.00 17.84
O2 A1EC3 F . -12.06 -13.64 18.21
O3 A1EC3 F . -4.41 -15.36 13.90
O4 A1EC3 F . -2.78 -14.42 14.98
O5 A1EC3 F . -5.78 -14.12 18.04
O6 A1EC3 F . -9.53 -18.42 23.18
O7 A1EC3 F . -9.45 -20.58 23.35
O8 A1EC3 F . -8.57 -20.30 19.14
O9 A1EC3 F . -10.19 -17.36 17.10
S SO4 G . -7.67 -43.28 13.70
O1 SO4 G . -7.19 -44.60 14.13
O2 SO4 G . -9.09 -43.39 13.39
O3 SO4 G . -7.47 -42.33 14.81
O4 SO4 G . -6.90 -42.85 12.54
S SO4 H . -4.62 -33.43 20.07
O1 SO4 H . -3.59 -33.98 19.19
O2 SO4 H . -5.95 -33.77 19.55
O3 SO4 H . -4.51 -33.99 21.41
O4 SO4 H . -4.48 -31.96 20.20
#